data_8H72
#
_entry.id   8H72
#
_cell.length_a   39.844
_cell.length_b   88.421
_cell.length_c   201.936
_cell.angle_alpha   90.00
_cell.angle_beta   90.00
_cell.angle_gamma   90.00
#
_symmetry.space_group_name_H-M   'P 21 21 21'
#
loop_
_entity.id
_entity.type
_entity.pdbx_description
1 polymer 'Delta(6)-protoilludene synthase K435DRAFT_659367'
2 non-polymer 'MAGNESIUM ION'
3 non-polymer N-benzyl-N,N-diethylethanaminium
4 water water
#
_entity_poly.entity_id   1
_entity_poly.type   'polypeptide(L)'
_entity_poly.pdbx_seq_one_letter_code
;GSHMAMTVPIPTSTEQSSAPTRFFIPDTLANWPWPRALNPAYEQCKADSAAWCEKYKAFSPKAQKAFNLCDFNLLASLAY
AHLPEDVNRVGCDLMNLFFVVDEHSDAMDKNSVHVWVEIIMDALRNPTKPRPDDEPIVGEISRTFWENAIKCLGPTSQKR
FIETFETYLYAVIVQADDRDHHVFRDVDSYMVVRRDTIGAKPSFALLEHNMDLPDDVFNHPLLEDLRTWCIDMLILGNDL
CSYNVEQSRGDDGHNIVKLVMLQENIDLHGAMQYISDMHDDLADKFLRNYKNMPSWGQPIDEWVTRYIEGLGNWVRANDA
WSFESWRYFKYDGLRIQKERWVELLPPANKEDLTSSSE
;
_entity_poly.pdbx_strand_id   A,B
#
loop_
_chem_comp.id
_chem_comp.type
_chem_comp.name
_chem_comp.formula
BTM non-polymer N-benzyl-N,N-diethylethanaminium 'C13 H22 N 1'
MG non-polymer 'MAGNESIUM ION' 'Mg 2'
#
# COMPACT_ATOMS: atom_id res chain seq x y z
N THR A 21 -15.72 -1.98 -32.27
CA THR A 21 -15.53 -3.37 -32.59
C THR A 21 -14.75 -4.08 -31.50
N ARG A 22 -13.89 -3.34 -30.82
CA ARG A 22 -13.07 -3.91 -29.76
C ARG A 22 -12.58 -2.85 -28.77
N PHE A 23 -12.81 -3.11 -27.49
CA PHE A 23 -12.40 -2.23 -26.40
C PHE A 23 -11.28 -2.85 -25.54
N PHE A 24 -10.67 -2.03 -24.72
CA PHE A 24 -9.49 -2.40 -23.96
C PHE A 24 -9.86 -2.25 -22.49
N ILE A 25 -9.93 -3.37 -21.76
CA ILE A 25 -10.25 -3.28 -20.34
C ILE A 25 -9.01 -2.82 -19.60
N PRO A 26 -9.04 -1.68 -18.91
CA PRO A 26 -7.83 -1.13 -18.27
C PRO A 26 -7.20 -2.12 -17.33
N ASP A 27 -5.85 -2.08 -17.29
CA ASP A 27 -5.07 -2.99 -16.45
C ASP A 27 -5.07 -2.45 -15.03
N THR A 28 -6.25 -2.52 -14.41
CA THR A 28 -6.50 -1.79 -13.16
C THR A 28 -5.62 -2.24 -12.01
N LEU A 29 -5.14 -3.48 -12.01
CA LEU A 29 -4.37 -3.98 -10.87
C LEU A 29 -2.90 -4.22 -11.19
N ALA A 30 -2.41 -3.70 -12.33
CA ALA A 30 -1.03 -3.91 -12.74
C ALA A 30 -0.06 -3.67 -11.59
N ASN A 31 -0.31 -2.67 -10.75
CA ASN A 31 0.61 -2.34 -9.67
C ASN A 31 0.02 -2.60 -8.27
N TRP A 32 -1.04 -3.39 -8.17
CA TRP A 32 -1.66 -3.61 -6.86
C TRP A 32 -0.76 -4.49 -5.99
N PRO A 33 -0.49 -4.10 -4.75
CA PRO A 33 0.49 -4.82 -3.94
C PRO A 33 0.08 -6.24 -3.55
N TRP A 34 -1.21 -6.50 -3.36
CA TRP A 34 -1.64 -7.83 -2.90
C TRP A 34 -1.63 -8.81 -4.05
N PRO A 35 -0.86 -9.89 -3.96
CA PRO A 35 -0.89 -10.91 -5.00
C PRO A 35 -2.06 -11.88 -4.84
N ARG A 36 -2.40 -12.55 -5.93
CA ARG A 36 -3.39 -13.61 -5.93
C ARG A 36 -3.02 -14.66 -4.89
N ALA A 37 -4.00 -15.07 -4.09
CA ALA A 37 -3.78 -16.10 -3.08
C ALA A 37 -5.06 -16.92 -3.00
N LEU A 38 -4.90 -18.23 -2.76
CA LEU A 38 -6.01 -19.17 -2.78
C LEU A 38 -6.00 -20.00 -1.51
N ASN A 39 -7.16 -20.11 -0.85
CA ASN A 39 -7.20 -20.85 0.41
C ASN A 39 -6.79 -22.30 0.16
N PRO A 40 -5.92 -22.88 0.99
CA PRO A 40 -5.49 -24.26 0.76
C PRO A 40 -6.61 -25.29 0.87
N ALA A 41 -7.75 -24.95 1.46
CA ALA A 41 -8.86 -25.88 1.59
C ALA A 41 -9.93 -25.66 0.51
N TYR A 42 -9.56 -25.03 -0.61
CA TYR A 42 -10.50 -24.70 -1.69
C TYR A 42 -11.34 -25.91 -2.13
N GLU A 43 -10.68 -27.01 -2.48
CA GLU A 43 -11.41 -28.13 -3.08
C GLU A 43 -12.43 -28.73 -2.11
N GLN A 44 -12.05 -28.89 -0.84
CA GLN A 44 -12.99 -29.45 0.14
C GLN A 44 -14.16 -28.52 0.40
N CYS A 45 -13.87 -27.22 0.55
CA CYS A 45 -14.93 -26.24 0.77
C CYS A 45 -15.84 -26.19 -0.44
N LYS A 46 -15.27 -26.21 -1.64
CA LYS A 46 -16.07 -26.17 -2.85
C LYS A 46 -17.03 -27.35 -2.91
N ALA A 47 -16.53 -28.56 -2.64
CA ALA A 47 -17.38 -29.74 -2.76
C ALA A 47 -18.48 -29.75 -1.70
N ASP A 48 -18.13 -29.45 -0.44
CA ASP A 48 -19.14 -29.43 0.61
C ASP A 48 -20.17 -28.34 0.38
N SER A 49 -19.71 -27.14 -0.04
CA SER A 49 -20.63 -26.03 -0.20
C SER A 49 -21.57 -26.28 -1.38
N ALA A 50 -21.02 -26.75 -2.51
CA ALA A 50 -21.87 -27.03 -3.67
C ALA A 50 -22.92 -28.09 -3.35
N ALA A 51 -22.54 -29.15 -2.64
CA ALA A 51 -23.49 -30.19 -2.23
C ALA A 51 -24.55 -29.63 -1.28
N TRP A 52 -24.12 -28.83 -0.30
CA TRP A 52 -25.08 -28.19 0.61
C TRP A 52 -26.16 -27.43 -0.16
N CYS A 53 -25.73 -26.63 -1.15
CA CYS A 53 -26.65 -25.75 -1.87
C CYS A 53 -27.51 -26.54 -2.86
N GLU A 54 -26.92 -27.53 -3.53
CA GLU A 54 -27.61 -28.22 -4.60
C GLU A 54 -28.68 -29.18 -4.09
N LYS A 55 -28.59 -29.61 -2.83
CA LYS A 55 -29.58 -30.56 -2.30
C LYS A 55 -30.96 -29.92 -2.16
N TYR A 56 -31.05 -28.60 -2.12
CA TYR A 56 -32.32 -27.91 -2.05
C TYR A 56 -33.07 -27.86 -3.37
N LYS A 57 -32.43 -28.23 -4.47
CA LYS A 57 -33.06 -28.23 -5.80
C LYS A 57 -33.72 -26.90 -6.12
N ALA A 58 -33.06 -25.81 -5.76
CA ALA A 58 -33.65 -24.48 -5.88
C ALA A 58 -33.39 -23.80 -7.23
N PHE A 59 -32.78 -24.48 -8.19
CA PHE A 59 -32.35 -23.86 -9.43
C PHE A 59 -33.03 -24.47 -10.66
N SER A 60 -33.45 -23.62 -11.59
CA SER A 60 -33.87 -24.07 -12.92
C SER A 60 -32.71 -24.77 -13.60
N PRO A 61 -32.94 -25.50 -14.68
CA PRO A 61 -31.87 -26.23 -15.35
C PRO A 61 -30.74 -25.31 -15.83
N LYS A 62 -31.08 -24.19 -16.43
CA LYS A 62 -30.07 -23.26 -16.83
C LYS A 62 -29.32 -22.71 -15.64
N ALA A 63 -30.03 -22.36 -14.56
CA ALA A 63 -29.39 -21.85 -13.35
C ALA A 63 -28.50 -22.90 -12.69
N GLN A 64 -28.84 -24.20 -12.79
CA GLN A 64 -27.94 -25.22 -12.21
C GLN A 64 -26.61 -25.27 -12.94
N LYS A 65 -26.62 -25.24 -14.28
CA LYS A 65 -25.38 -25.24 -15.03
C LYS A 65 -24.54 -23.99 -14.73
N ALA A 66 -25.19 -22.82 -14.67
CA ALA A 66 -24.46 -21.58 -14.43
C ALA A 66 -23.83 -21.55 -13.03
N PHE A 67 -24.60 -21.94 -12.01
CA PHE A 67 -24.08 -22.08 -10.65
C PHE A 67 -22.81 -22.93 -10.61
N ASN A 68 -22.80 -24.02 -11.36
CA ASN A 68 -21.64 -24.89 -11.43
C ASN A 68 -20.46 -24.21 -12.15
N LEU A 69 -20.71 -23.69 -13.35
CA LEU A 69 -19.62 -23.13 -14.16
C LEU A 69 -19.04 -21.86 -13.53
N CYS A 70 -19.88 -21.02 -12.94
CA CYS A 70 -19.37 -19.78 -12.33
C CYS A 70 -18.42 -20.06 -11.17
N ASP A 71 -18.66 -21.14 -10.42
CA ASP A 71 -17.82 -21.56 -9.29
C ASP A 71 -17.60 -20.41 -8.30
N PHE A 72 -18.68 -20.07 -7.58
CA PHE A 72 -18.57 -19.04 -6.56
C PHE A 72 -17.68 -19.46 -5.40
N ASN A 73 -17.39 -20.76 -5.29
CA ASN A 73 -16.45 -21.25 -4.27
C ASN A 73 -15.03 -20.74 -4.54
N LEU A 74 -14.66 -20.61 -5.82
CA LEU A 74 -13.35 -20.07 -6.17
C LEU A 74 -13.24 -18.62 -5.70
N LEU A 75 -14.31 -17.84 -5.87
CA LEU A 75 -14.33 -16.45 -5.43
C LEU A 75 -14.10 -16.35 -3.92
N ALA A 76 -14.93 -17.04 -3.14
CA ALA A 76 -14.76 -17.08 -1.69
C ALA A 76 -13.34 -17.49 -1.30
N SER A 77 -12.80 -18.49 -1.98
CA SER A 77 -11.52 -19.06 -1.58
C SER A 77 -10.36 -18.13 -1.92
N LEU A 78 -10.49 -17.33 -2.98
CA LEU A 78 -9.50 -16.29 -3.22
C LEU A 78 -9.60 -15.19 -2.18
N ALA A 79 -10.82 -14.73 -1.90
CA ALA A 79 -10.99 -13.61 -0.99
C ALA A 79 -10.66 -13.99 0.45
N TYR A 80 -10.93 -15.23 0.84
CA TYR A 80 -10.68 -15.66 2.21
C TYR A 80 -9.46 -16.58 2.28
N ALA A 81 -8.51 -16.34 1.37
CA ALA A 81 -7.32 -17.20 1.23
C ALA A 81 -6.53 -17.34 2.53
N HIS A 82 -6.49 -16.32 3.38
CA HIS A 82 -5.66 -16.38 4.57
C HIS A 82 -6.45 -16.74 5.84
N LEU A 83 -7.75 -17.07 5.71
CA LEU A 83 -8.60 -17.35 6.87
C LEU A 83 -8.68 -18.86 7.11
N PRO A 84 -9.13 -19.28 8.30
CA PRO A 84 -9.21 -20.72 8.56
C PRO A 84 -10.17 -21.39 7.60
N GLU A 85 -10.00 -22.71 7.47
CA GLU A 85 -10.80 -23.48 6.53
C GLU A 85 -12.29 -23.37 6.85
N ASP A 86 -12.68 -23.45 8.11
CA ASP A 86 -14.11 -23.43 8.38
C ASP A 86 -14.71 -22.07 8.03
N VAL A 87 -13.99 -20.97 8.28
CA VAL A 87 -14.47 -19.66 7.84
C VAL A 87 -14.49 -19.57 6.32
N ASN A 88 -13.50 -20.17 5.65
CA ASN A 88 -13.52 -20.23 4.19
C ASN A 88 -14.76 -20.95 3.67
N ARG A 89 -15.17 -22.02 4.37
CA ARG A 89 -16.38 -22.73 4.00
C ARG A 89 -17.61 -21.84 4.12
N VAL A 90 -17.71 -21.07 5.22
CA VAL A 90 -18.81 -20.12 5.36
C VAL A 90 -18.83 -19.15 4.17
N GLY A 91 -17.64 -18.71 3.73
CA GLY A 91 -17.57 -17.79 2.60
C GLY A 91 -18.09 -18.41 1.31
N CYS A 92 -17.76 -19.69 1.09
CA CYS A 92 -18.31 -20.38 -0.08
C CYS A 92 -19.83 -20.46 -0.04
N ASP A 93 -20.37 -20.86 1.12
CA ASP A 93 -21.81 -20.85 1.33
C ASP A 93 -22.39 -19.47 1.04
N LEU A 94 -21.73 -18.43 1.55
CA LEU A 94 -22.25 -17.07 1.36
C LEU A 94 -22.26 -16.68 -0.12
N MET A 95 -21.17 -16.95 -0.84
CA MET A 95 -21.16 -16.62 -2.27
C MET A 95 -22.21 -17.41 -3.03
N ASN A 96 -22.45 -18.66 -2.63
CA ASN A 96 -23.51 -19.45 -3.26
C ASN A 96 -24.88 -18.94 -2.86
N LEU A 97 -25.04 -18.50 -1.61
CA LEU A 97 -26.29 -17.92 -1.17
C LEU A 97 -26.66 -16.68 -1.97
N PHE A 98 -25.68 -15.83 -2.30
CA PHE A 98 -25.98 -14.63 -3.08
C PHE A 98 -26.65 -15.00 -4.39
N PHE A 99 -26.16 -16.06 -5.04
CA PHE A 99 -26.76 -16.53 -6.28
C PHE A 99 -28.18 -17.04 -6.05
N VAL A 100 -28.40 -17.77 -4.94
CA VAL A 100 -29.76 -18.18 -4.57
C VAL A 100 -30.65 -16.96 -4.46
N VAL A 101 -30.16 -15.92 -3.79
CA VAL A 101 -30.94 -14.69 -3.63
C VAL A 101 -31.25 -14.06 -4.98
N ASP A 102 -30.25 -13.97 -5.86
CA ASP A 102 -30.47 -13.43 -7.19
C ASP A 102 -31.54 -14.22 -7.93
N GLU A 103 -31.48 -15.55 -7.86
CA GLU A 103 -32.46 -16.37 -8.57
C GLU A 103 -33.86 -16.25 -7.97
N HIS A 104 -33.96 -16.28 -6.64
CA HIS A 104 -35.29 -16.29 -6.01
C HIS A 104 -35.89 -14.89 -5.82
N SER A 105 -35.08 -13.86 -5.67
CA SER A 105 -35.63 -12.52 -5.48
C SER A 105 -36.33 -12.00 -6.73
N ASP A 106 -36.09 -12.64 -7.88
CA ASP A 106 -36.69 -12.22 -9.13
C ASP A 106 -38.22 -12.15 -9.10
N ALA A 107 -38.85 -12.92 -8.21
CA ALA A 107 -40.28 -12.95 -8.11
C ALA A 107 -40.81 -11.85 -7.17
N MET A 108 -39.91 -11.29 -6.37
CA MET A 108 -40.27 -10.27 -5.40
C MET A 108 -40.09 -8.85 -5.92
N ASP A 109 -40.85 -7.94 -5.33
CA ASP A 109 -40.80 -6.53 -5.68
C ASP A 109 -40.95 -5.73 -4.40
N LYS A 110 -41.33 -4.45 -4.54
CA LYS A 110 -41.48 -3.56 -3.39
C LYS A 110 -42.66 -3.82 -2.45
N ASN A 111 -43.67 -4.54 -2.91
CA ASN A 111 -44.85 -4.81 -2.07
C ASN A 111 -44.64 -6.01 -1.17
N SER A 112 -43.81 -6.95 -1.58
CA SER A 112 -43.57 -8.20 -0.85
C SER A 112 -42.23 -8.21 -0.14
N VAL A 113 -41.43 -7.14 -0.25
CA VAL A 113 -40.03 -7.22 0.17
C VAL A 113 -39.92 -7.40 1.68
N HIS A 114 -40.75 -6.70 2.46
CA HIS A 114 -40.57 -6.77 3.91
C HIS A 114 -40.89 -8.15 4.45
N VAL A 115 -42.03 -8.73 4.06
CA VAL A 115 -42.33 -10.08 4.54
C VAL A 115 -41.27 -11.05 4.05
N TRP A 116 -40.82 -10.88 2.81
CA TRP A 116 -39.79 -11.76 2.26
C TRP A 116 -38.48 -11.63 3.02
N VAL A 117 -38.02 -10.41 3.24
CA VAL A 117 -36.81 -10.19 4.04
C VAL A 117 -36.99 -10.77 5.45
N GLU A 118 -38.17 -10.58 6.06
CA GLU A 118 -38.36 -11.06 7.43
C GLU A 118 -38.33 -12.58 7.53
N ILE A 119 -38.69 -13.30 6.47
CA ILE A 119 -38.52 -14.75 6.50
C ILE A 119 -37.04 -15.09 6.65
N ILE A 120 -36.19 -14.48 5.83
CA ILE A 120 -34.76 -14.75 5.88
C ILE A 120 -34.18 -14.29 7.21
N MET A 121 -34.53 -13.07 7.63
CA MET A 121 -33.98 -12.56 8.87
C MET A 121 -34.45 -13.40 10.06
N ASP A 122 -35.72 -13.82 10.07
CA ASP A 122 -36.15 -14.71 11.16
C ASP A 122 -35.32 -15.98 11.17
N ALA A 123 -34.89 -16.46 10.00
CA ALA A 123 -34.05 -17.65 9.94
C ALA A 123 -32.68 -17.38 10.54
N LEU A 124 -32.07 -16.23 10.22
CA LEU A 124 -30.75 -15.94 10.76
C LEU A 124 -30.83 -15.71 12.26
N ARG A 125 -31.83 -14.97 12.72
CA ARG A 125 -32.01 -14.74 14.16
C ARG A 125 -32.29 -16.04 14.91
N ASN A 126 -32.82 -17.03 14.21
CA ASN A 126 -33.13 -18.33 14.80
C ASN A 126 -32.59 -19.42 13.89
N PRO A 127 -31.30 -19.74 14.02
CA PRO A 127 -30.61 -20.73 13.20
C PRO A 127 -30.91 -22.19 13.55
N THR A 128 -31.61 -22.44 14.65
CA THR A 128 -31.92 -23.83 15.02
C THR A 128 -33.37 -24.28 14.85
N LYS A 129 -34.24 -23.38 14.42
CA LYS A 129 -35.66 -23.73 14.26
C LYS A 129 -36.06 -23.96 12.81
N PRO A 130 -36.18 -25.24 12.40
CA PRO A 130 -36.58 -25.54 11.04
C PRO A 130 -37.79 -24.70 10.61
N ARG A 131 -37.73 -24.34 9.36
CA ARG A 131 -38.72 -23.43 8.82
C ARG A 131 -40.03 -24.17 8.52
N PRO A 132 -41.16 -23.48 8.52
CA PRO A 132 -42.42 -24.10 8.12
C PRO A 132 -42.40 -24.54 6.66
N ASP A 133 -43.29 -25.50 6.36
CA ASP A 133 -43.31 -26.14 5.05
C ASP A 133 -43.99 -25.30 3.99
N ASP A 134 -44.82 -24.35 4.37
CA ASP A 134 -45.57 -23.55 3.42
C ASP A 134 -44.83 -22.27 3.01
N GLU A 135 -43.54 -22.17 3.29
CA GLU A 135 -42.77 -20.94 3.11
C GLU A 135 -41.70 -21.12 2.03
N PRO A 136 -41.38 -20.06 1.27
CA PRO A 136 -40.34 -20.20 0.23
C PRO A 136 -39.07 -20.83 0.80
N ILE A 137 -38.41 -21.66 -0.01
CA ILE A 137 -37.28 -22.43 0.49
C ILE A 137 -36.07 -21.57 0.87
N VAL A 138 -35.98 -20.31 0.40
CA VAL A 138 -34.83 -19.46 0.75
C VAL A 138 -34.69 -19.29 2.27
N GLY A 139 -35.81 -19.35 3.01
CA GLY A 139 -35.73 -19.33 4.46
C GLY A 139 -34.87 -20.44 5.03
N GLU A 140 -35.13 -21.68 4.62
CA GLU A 140 -34.39 -22.83 5.16
C GLU A 140 -32.94 -22.84 4.65
N ILE A 141 -32.72 -22.47 3.38
CA ILE A 141 -31.35 -22.38 2.89
C ILE A 141 -30.55 -21.39 3.73
N SER A 142 -31.14 -20.22 3.99
CA SER A 142 -30.49 -19.22 4.84
C SER A 142 -30.28 -19.75 6.25
N ARG A 143 -31.28 -20.45 6.79
CA ARG A 143 -31.16 -20.97 8.14
C ARG A 143 -29.97 -21.92 8.27
N THR A 144 -29.84 -22.88 7.35
CA THR A 144 -28.77 -23.85 7.53
C THR A 144 -27.40 -23.24 7.22
N PHE A 145 -27.36 -22.24 6.32
CA PHE A 145 -26.12 -21.49 6.14
C PHE A 145 -25.67 -20.90 7.47
N TRP A 146 -26.58 -20.19 8.15
CA TRP A 146 -26.23 -19.56 9.42
C TRP A 146 -26.01 -20.59 10.54
N GLU A 147 -26.76 -21.69 10.53
CA GLU A 147 -26.53 -22.70 11.56
C GLU A 147 -25.08 -23.17 11.56
N ASN A 148 -24.52 -23.39 10.36
CA ASN A 148 -23.11 -23.75 10.27
C ASN A 148 -22.19 -22.57 10.61
N ALA A 149 -22.53 -21.37 10.11
CA ALA A 149 -21.60 -20.24 10.23
C ALA A 149 -21.33 -19.86 11.68
N ILE A 150 -22.35 -19.94 12.57
CA ILE A 150 -22.18 -19.46 13.93
C ILE A 150 -21.22 -20.32 14.74
N LYS A 151 -20.75 -21.44 14.19
CA LYS A 151 -19.77 -22.25 14.89
C LYS A 151 -18.35 -21.69 14.79
N CYS A 152 -18.07 -20.82 13.81
CA CYS A 152 -16.73 -20.26 13.68
C CYS A 152 -16.72 -18.74 13.56
N LEU A 153 -17.87 -18.08 13.56
CA LEU A 153 -17.94 -16.62 13.57
C LEU A 153 -18.24 -16.16 14.99
N GLY A 154 -17.42 -15.24 15.51
CA GLY A 154 -17.65 -14.68 16.81
C GLY A 154 -18.82 -13.72 16.83
N PRO A 155 -19.13 -13.18 18.00
CA PRO A 155 -20.39 -12.43 18.16
C PRO A 155 -20.40 -11.10 17.42
N THR A 156 -19.27 -10.38 17.36
CA THR A 156 -19.24 -9.15 16.55
C THR A 156 -19.42 -9.48 15.07
N SER A 157 -18.73 -10.50 14.59
CA SER A 157 -18.88 -10.93 13.20
C SER A 157 -20.33 -11.30 12.89
N GLN A 158 -20.94 -12.11 13.77
CA GLN A 158 -22.34 -12.50 13.59
C GLN A 158 -23.21 -11.27 13.51
N LYS A 159 -23.07 -10.36 14.49
CA LYS A 159 -23.88 -9.16 14.53
C LYS A 159 -23.68 -8.31 13.29
N ARG A 160 -22.42 -8.22 12.82
CA ARG A 160 -22.12 -7.41 11.64
C ARG A 160 -22.77 -8.00 10.39
N PHE A 161 -22.72 -9.32 10.24
CA PHE A 161 -23.36 -9.96 9.10
C PHE A 161 -24.87 -9.73 9.10
N ILE A 162 -25.53 -10.03 10.24
CA ILE A 162 -26.99 -9.89 10.35
C ILE A 162 -27.43 -8.51 9.92
N GLU A 163 -26.71 -7.48 10.38
CA GLU A 163 -27.14 -6.11 10.13
C GLU A 163 -26.92 -5.73 8.67
N THR A 164 -25.74 -6.04 8.11
CA THR A 164 -25.45 -5.65 6.73
C THR A 164 -26.21 -6.52 5.73
N PHE A 165 -26.45 -7.80 6.05
CA PHE A 165 -27.17 -8.66 5.11
C PHE A 165 -28.62 -8.19 4.93
N GLU A 166 -29.25 -7.75 6.02
CA GLU A 166 -30.61 -7.22 5.93
C GLU A 166 -30.68 -6.02 4.99
N THR A 167 -29.76 -5.07 5.17
CA THR A 167 -29.73 -3.91 4.29
C THR A 167 -29.54 -4.34 2.84
N TYR A 168 -28.67 -5.33 2.61
CA TYR A 168 -28.41 -5.81 1.25
C TYR A 168 -29.68 -6.36 0.63
N LEU A 169 -30.46 -7.15 1.39
CA LEU A 169 -31.65 -7.80 0.84
C LEU A 169 -32.69 -6.77 0.40
N TYR A 170 -32.98 -5.77 1.25
CA TYR A 170 -33.87 -4.70 0.79
C TYR A 170 -33.30 -4.02 -0.45
N ALA A 171 -31.99 -3.76 -0.46
CA ALA A 171 -31.36 -3.00 -1.53
C ALA A 171 -31.48 -3.72 -2.88
N VAL A 172 -31.30 -5.05 -2.90
CA VAL A 172 -31.34 -5.72 -4.21
C VAL A 172 -32.76 -5.70 -4.77
N ILE A 173 -33.76 -5.89 -3.91
CA ILE A 173 -35.15 -5.84 -4.38
C ILE A 173 -35.49 -4.43 -4.88
N VAL A 174 -35.19 -3.42 -4.08
CA VAL A 174 -35.49 -2.04 -4.45
C VAL A 174 -34.78 -1.68 -5.75
N GLN A 175 -33.49 -2.03 -5.86
CA GLN A 175 -32.75 -1.77 -7.09
C GLN A 175 -33.44 -2.41 -8.30
N ALA A 176 -33.93 -3.65 -8.16
CA ALA A 176 -34.64 -4.25 -9.28
C ALA A 176 -35.92 -3.48 -9.59
N ASP A 177 -36.59 -2.97 -8.56
CA ASP A 177 -37.80 -2.20 -8.82
C ASP A 177 -37.48 -0.89 -9.54
N ASP A 178 -36.40 -0.21 -9.10
CA ASP A 178 -36.00 1.05 -9.72
C ASP A 178 -35.62 0.85 -11.18
N ARG A 179 -34.85 -0.21 -11.47
CA ARG A 179 -34.49 -0.52 -12.86
C ARG A 179 -35.74 -0.72 -13.70
N ASP A 180 -36.71 -1.46 -13.16
CA ASP A 180 -37.95 -1.76 -13.88
C ASP A 180 -38.73 -0.49 -14.21
N HIS A 181 -38.73 0.49 -13.32
CA HIS A 181 -39.44 1.73 -13.56
C HIS A 181 -38.54 2.84 -14.09
N HIS A 182 -37.29 2.50 -14.44
CA HIS A 182 -36.37 3.40 -15.15
C HIS A 182 -36.03 4.65 -14.32
N VAL A 183 -35.89 4.45 -13.01
CA VAL A 183 -35.45 5.53 -12.13
C VAL A 183 -34.06 6.00 -12.56
N PHE A 184 -33.85 7.32 -12.51
CA PHE A 184 -32.63 7.91 -13.03
C PHE A 184 -31.44 7.70 -12.08
N ARG A 185 -30.27 7.41 -12.65
CA ARG A 185 -29.02 7.45 -11.91
C ARG A 185 -27.95 8.16 -12.74
N ASP A 186 -27.01 8.80 -12.07
CA ASP A 186 -25.78 9.19 -12.71
C ASP A 186 -24.63 8.40 -12.07
N VAL A 187 -23.40 8.78 -12.40
CA VAL A 187 -22.26 7.98 -11.92
C VAL A 187 -22.24 7.93 -10.41
N ASP A 188 -22.27 9.10 -9.76
CA ASP A 188 -22.12 9.16 -8.30
C ASP A 188 -23.31 8.49 -7.60
N SER A 189 -24.51 8.65 -8.14
CA SER A 189 -25.67 8.11 -7.43
C SER A 189 -25.80 6.62 -7.68
N TYR A 190 -25.35 6.16 -8.85
CA TYR A 190 -25.28 4.72 -9.09
C TYR A 190 -24.35 4.06 -8.08
N MET A 191 -23.19 4.67 -7.84
CA MET A 191 -22.20 4.12 -6.91
C MET A 191 -22.79 4.00 -5.51
N VAL A 192 -23.57 4.99 -5.09
CA VAL A 192 -24.20 4.96 -3.76
C VAL A 192 -25.09 3.73 -3.63
N VAL A 193 -25.91 3.46 -4.65
CA VAL A 193 -26.80 2.29 -4.62
C VAL A 193 -25.99 1.01 -4.64
N ARG A 194 -24.99 0.96 -5.50
CA ARG A 194 -24.30 -0.29 -5.78
C ARG A 194 -23.42 -0.73 -4.63
N ARG A 195 -22.98 0.20 -3.78
CA ARG A 195 -22.21 -0.16 -2.59
C ARG A 195 -23.00 -1.10 -1.68
N ASP A 196 -24.33 -1.02 -1.73
CA ASP A 196 -25.19 -1.85 -0.91
C ASP A 196 -25.73 -3.07 -1.65
N THR A 197 -25.88 -3.00 -2.97
CA THR A 197 -26.42 -4.14 -3.69
C THR A 197 -25.37 -5.13 -4.15
N ILE A 198 -24.07 -4.81 -4.08
CA ILE A 198 -23.07 -5.74 -4.60
C ILE A 198 -22.87 -6.90 -3.63
N GLY A 199 -23.05 -6.68 -2.34
CA GLY A 199 -22.92 -7.73 -1.34
C GLY A 199 -21.57 -7.77 -0.66
N ALA A 200 -20.76 -6.73 -0.84
CA ALA A 200 -19.43 -6.71 -0.25
C ALA A 200 -19.50 -6.48 1.26
N LYS A 201 -20.49 -5.73 1.73
CA LYS A 201 -20.55 -5.42 3.15
C LYS A 201 -20.82 -6.64 4.01
N PRO A 202 -21.81 -7.50 3.71
CA PRO A 202 -21.91 -8.75 4.48
C PRO A 202 -20.69 -9.64 4.30
N SER A 203 -20.06 -9.61 3.11
CA SER A 203 -18.87 -10.42 2.87
C SER A 203 -17.70 -10.00 3.74
N PHE A 204 -17.56 -8.69 4.02
CA PHE A 204 -16.50 -8.21 4.88
C PHE A 204 -16.68 -8.67 6.32
N ALA A 205 -17.92 -8.89 6.74
CA ALA A 205 -18.19 -9.32 8.13
C ALA A 205 -17.43 -10.61 8.46
N LEU A 206 -17.26 -11.50 7.49
CA LEU A 206 -16.50 -12.72 7.73
C LEU A 206 -15.05 -12.41 8.09
N LEU A 207 -14.52 -11.28 7.62
CA LEU A 207 -13.15 -10.92 7.96
C LEU A 207 -12.97 -10.72 9.45
N GLU A 208 -14.06 -10.39 10.16
CA GLU A 208 -14.05 -10.19 11.61
C GLU A 208 -14.29 -11.48 12.40
N HIS A 209 -14.15 -12.65 11.77
CA HIS A 209 -14.56 -13.91 12.40
C HIS A 209 -14.08 -14.05 13.85
N ASN A 210 -12.82 -13.70 14.12
CA ASN A 210 -12.27 -13.85 15.48
C ASN A 210 -11.83 -12.51 16.05
N MET A 211 -12.48 -11.43 15.63
CA MET A 211 -12.21 -10.08 16.10
C MET A 211 -13.37 -9.57 16.93
N ASP A 212 -13.08 -8.61 17.81
CA ASP A 212 -14.11 -7.92 18.57
C ASP A 212 -13.84 -6.41 18.49
N LEU A 213 -14.05 -5.83 17.31
CA LEU A 213 -13.79 -4.41 17.13
C LEU A 213 -14.90 -3.60 17.77
N PRO A 214 -14.59 -2.65 18.65
CA PRO A 214 -15.64 -1.76 19.17
C PRO A 214 -16.24 -0.90 18.06
N ASP A 215 -17.48 -0.44 18.30
CA ASP A 215 -18.23 0.26 17.27
C ASP A 215 -17.52 1.50 16.77
N ASP A 216 -16.84 2.24 17.66
CA ASP A 216 -16.15 3.46 17.24
C ASP A 216 -14.83 3.19 16.55
N VAL A 217 -14.28 1.98 16.65
CA VAL A 217 -13.15 1.62 15.81
C VAL A 217 -13.64 1.19 14.43
N PHE A 218 -14.68 0.35 14.39
CA PHE A 218 -15.21 -0.10 13.11
C PHE A 218 -15.77 1.06 12.29
N ASN A 219 -16.40 2.02 12.96
CA ASN A 219 -17.00 3.17 12.29
C ASN A 219 -16.07 4.37 12.28
N HIS A 220 -14.82 4.21 12.72
CA HIS A 220 -13.81 5.25 12.49
C HIS A 220 -13.86 5.71 11.04
N PRO A 221 -13.82 7.03 10.78
CA PRO A 221 -14.01 7.53 9.41
C PRO A 221 -12.99 7.03 8.40
N LEU A 222 -11.74 6.78 8.80
CA LEU A 222 -10.77 6.26 7.83
C LEU A 222 -11.09 4.80 7.46
N LEU A 223 -11.42 3.97 8.45
CA LEU A 223 -11.83 2.59 8.13
C LEU A 223 -13.07 2.59 7.24
N GLU A 224 -14.05 3.44 7.54
CA GLU A 224 -15.21 3.63 6.65
C GLU A 224 -14.77 3.99 5.24
N ASP A 225 -13.85 4.95 5.11
CA ASP A 225 -13.35 5.33 3.78
C ASP A 225 -12.68 4.15 3.08
N LEU A 226 -11.80 3.43 3.78
CA LEU A 226 -11.08 2.32 3.15
C LEU A 226 -12.06 1.27 2.62
N ARG A 227 -13.05 0.90 3.45
CA ARG A 227 -14.10 0.00 2.99
C ARG A 227 -14.76 0.53 1.74
N THR A 228 -15.09 1.83 1.72
CA THR A 228 -15.83 2.40 0.59
C THR A 228 -14.99 2.38 -0.69
N TRP A 229 -13.71 2.77 -0.60
CA TRP A 229 -12.86 2.76 -1.78
C TRP A 229 -12.67 1.33 -2.29
N CYS A 230 -12.44 0.38 -1.37
CA CYS A 230 -12.42 -1.03 -1.72
C CYS A 230 -13.68 -1.43 -2.49
N ILE A 231 -14.86 -1.18 -1.91
CA ILE A 231 -16.11 -1.57 -2.55
C ILE A 231 -16.24 -0.92 -3.92
N ASP A 232 -15.90 0.38 -4.03
CA ASP A 232 -16.01 1.06 -5.32
C ASP A 232 -15.10 0.43 -6.38
N MET A 233 -13.88 0.00 -6.01
CA MET A 233 -13.07 -0.71 -7.00
C MET A 233 -13.72 -2.04 -7.39
N LEU A 234 -14.36 -2.70 -6.43
CA LEU A 234 -15.05 -3.96 -6.74
C LEU A 234 -16.17 -3.73 -7.74
N ILE A 235 -16.93 -2.65 -7.54
CA ILE A 235 -18.00 -2.30 -8.47
C ILE A 235 -17.45 -2.09 -9.86
N LEU A 236 -16.42 -1.25 -9.99
CA LEU A 236 -15.89 -0.93 -11.32
C LEU A 236 -15.40 -2.19 -12.02
N GLY A 237 -14.67 -3.04 -11.29
CA GLY A 237 -14.14 -4.25 -11.91
C GLY A 237 -15.24 -5.14 -12.45
N ASN A 238 -16.28 -5.37 -11.64
CA ASN A 238 -17.37 -6.25 -12.04
C ASN A 238 -18.08 -5.69 -13.28
N ASP A 239 -18.37 -4.39 -13.29
CA ASP A 239 -19.08 -3.79 -14.42
C ASP A 239 -18.24 -3.80 -15.69
N LEU A 240 -16.92 -3.57 -15.55
CA LEU A 240 -16.05 -3.68 -16.71
C LEU A 240 -16.14 -5.06 -17.33
N CYS A 241 -16.25 -6.09 -16.49
CA CYS A 241 -16.23 -7.45 -17.01
C CYS A 241 -17.59 -7.85 -17.57
N SER A 242 -18.68 -7.43 -16.94
CA SER A 242 -20.00 -7.82 -17.39
C SER A 242 -20.50 -6.98 -18.57
N TYR A 243 -19.84 -5.86 -18.87
CA TYR A 243 -20.38 -4.94 -19.87
C TYR A 243 -20.65 -5.63 -21.20
N ASN A 244 -19.69 -6.44 -21.70
CA ASN A 244 -19.81 -6.97 -23.06
C ASN A 244 -21.12 -7.74 -23.24
N VAL A 245 -21.43 -8.64 -22.30
CA VAL A 245 -22.66 -9.42 -22.44
C VAL A 245 -23.88 -8.52 -22.22
N GLU A 246 -23.77 -7.60 -21.27
CA GLU A 246 -24.85 -6.68 -20.95
C GLU A 246 -25.26 -5.79 -22.12
N GLN A 247 -24.26 -5.21 -22.79
CA GLN A 247 -24.52 -4.31 -23.91
C GLN A 247 -25.10 -5.03 -25.12
N SER A 248 -24.92 -6.35 -25.19
CA SER A 248 -25.43 -7.09 -26.29
C SER A 248 -26.87 -7.51 -26.13
N ARG A 249 -27.39 -7.33 -24.92
CA ARG A 249 -28.76 -7.67 -24.63
C ARG A 249 -29.45 -6.41 -24.15
N GLY A 250 -28.86 -5.24 -24.45
CA GLY A 250 -29.49 -4.02 -23.98
C GLY A 250 -29.74 -3.99 -22.50
N ASP A 251 -28.97 -4.75 -21.71
CA ASP A 251 -29.11 -4.80 -20.26
C ASP A 251 -28.09 -3.92 -19.55
N ASP A 252 -27.45 -3.00 -20.26
CA ASP A 252 -26.34 -2.23 -19.72
C ASP A 252 -26.78 -0.89 -19.14
N GLY A 253 -28.09 -0.68 -18.96
CA GLY A 253 -28.57 0.60 -18.46
C GLY A 253 -27.95 1.02 -17.14
N HIS A 254 -27.78 0.09 -16.21
CA HIS A 254 -27.11 0.48 -14.97
C HIS A 254 -25.76 -0.21 -14.83
N ASN A 255 -24.95 0.04 -15.87
CA ASN A 255 -23.58 -0.42 -16.02
C ASN A 255 -22.71 0.83 -16.22
N ILE A 256 -21.87 1.08 -15.22
CA ILE A 256 -20.97 2.23 -15.13
C ILE A 256 -20.35 2.61 -16.47
N VAL A 257 -20.12 1.57 -17.28
CA VAL A 257 -19.63 1.88 -18.62
C VAL A 257 -20.66 2.72 -19.38
N LYS A 258 -21.93 2.29 -19.33
CA LYS A 258 -22.98 3.05 -20.00
C LYS A 258 -23.24 4.38 -19.29
N LEU A 259 -23.27 4.37 -17.96
CA LEU A 259 -23.52 5.62 -17.22
C LEU A 259 -22.45 6.67 -17.52
N VAL A 260 -21.21 6.24 -17.79
CA VAL A 260 -20.14 7.18 -18.07
C VAL A 260 -20.31 7.78 -19.46
N MET A 261 -20.57 6.93 -20.45
CA MET A 261 -20.83 7.44 -21.80
C MET A 261 -21.95 8.47 -21.78
N LEU A 262 -23.06 8.16 -21.09
CA LEU A 262 -24.18 9.10 -21.04
C LEU A 262 -23.83 10.35 -20.25
N GLN A 263 -23.33 10.19 -19.04
CA GLN A 263 -23.02 11.35 -18.20
C GLN A 263 -22.00 12.25 -18.86
N GLU A 264 -21.07 11.71 -19.63
CA GLU A 264 -19.99 12.50 -20.20
C GLU A 264 -20.10 12.73 -21.70
N ASN A 265 -21.04 12.06 -22.38
CA ASN A 265 -21.19 12.20 -23.82
C ASN A 265 -19.91 11.81 -24.54
N ILE A 266 -19.36 10.64 -24.17
CA ILE A 266 -18.16 10.10 -24.79
C ILE A 266 -18.45 8.69 -25.31
N ASP A 267 -17.53 8.19 -26.12
CA ASP A 267 -17.66 6.87 -26.72
C ASP A 267 -17.09 5.79 -25.80
N LEU A 268 -17.20 4.53 -26.23
CA LEU A 268 -16.74 3.41 -25.41
C LEU A 268 -15.26 3.54 -25.08
N HIS A 269 -14.42 3.77 -26.10
CA HIS A 269 -12.99 3.99 -25.89
C HIS A 269 -12.76 5.08 -24.85
N GLY A 270 -13.46 6.22 -24.98
CA GLY A 270 -13.35 7.28 -23.99
C GLY A 270 -13.84 6.86 -22.61
N ALA A 271 -14.94 6.10 -22.56
CA ALA A 271 -15.46 5.67 -21.26
C ALA A 271 -14.49 4.72 -20.55
N MET A 272 -13.90 3.79 -21.30
CA MET A 272 -12.88 2.91 -20.73
C MET A 272 -11.74 3.71 -20.11
N GLN A 273 -11.26 4.76 -20.79
CA GLN A 273 -10.19 5.56 -20.20
C GLN A 273 -10.66 6.31 -18.96
N TYR A 274 -11.87 6.87 -18.99
CA TYR A 274 -12.44 7.52 -17.81
C TYR A 274 -12.51 6.56 -16.62
N ILE A 275 -12.96 5.32 -16.85
CA ILE A 275 -13.08 4.36 -15.75
C ILE A 275 -11.70 3.98 -15.22
N SER A 276 -10.74 3.81 -16.13
CA SER A 276 -9.36 3.54 -15.72
C SER A 276 -8.86 4.61 -14.75
N ASP A 277 -9.05 5.89 -15.10
CA ASP A 277 -8.63 6.97 -14.21
C ASP A 277 -9.41 6.94 -12.91
N MET A 278 -10.71 6.69 -12.99
CA MET A 278 -11.51 6.62 -11.77
C MET A 278 -11.03 5.48 -10.85
N HIS A 279 -10.69 4.32 -11.42
CA HIS A 279 -10.13 3.24 -10.60
C HIS A 279 -8.79 3.66 -10.01
N ASP A 280 -7.91 4.26 -10.82
CA ASP A 280 -6.61 4.72 -10.34
C ASP A 280 -6.74 5.65 -9.14
N ASP A 281 -7.69 6.60 -9.18
CA ASP A 281 -7.87 7.54 -8.07
C ASP A 281 -8.31 6.81 -6.79
N LEU A 282 -9.21 5.83 -6.91
CA LEU A 282 -9.61 5.04 -5.74
C LEU A 282 -8.43 4.24 -5.19
N ALA A 283 -7.67 3.61 -6.08
CA ALA A 283 -6.51 2.84 -5.64
C ALA A 283 -5.51 3.71 -4.90
N ASP A 284 -5.27 4.92 -5.42
CA ASP A 284 -4.34 5.85 -4.79
C ASP A 284 -4.82 6.28 -3.41
N LYS A 285 -6.11 6.58 -3.27
CA LYS A 285 -6.64 6.91 -1.96
C LYS A 285 -6.52 5.75 -0.98
N PHE A 286 -6.76 4.53 -1.47
CA PHE A 286 -6.64 3.36 -0.59
C PHE A 286 -5.18 3.14 -0.17
N LEU A 287 -4.27 3.17 -1.14
CA LEU A 287 -2.86 2.95 -0.83
C LEU A 287 -2.30 4.07 0.05
N ARG A 288 -2.70 5.29 -0.21
CA ARG A 288 -2.24 6.41 0.55
C ARG A 288 -2.64 6.33 2.02
N ASN A 289 -3.75 5.68 2.31
CA ASN A 289 -4.24 5.63 3.66
C ASN A 289 -4.28 4.34 4.43
N TYR A 290 -4.05 3.20 3.81
CA TYR A 290 -4.17 1.95 4.51
C TYR A 290 -3.27 1.71 5.70
N LYS A 291 -2.20 2.46 5.84
CA LYS A 291 -1.29 2.34 6.97
C LYS A 291 -1.37 3.63 7.79
N ASN A 292 -2.48 4.35 7.67
CA ASN A 292 -2.66 5.62 8.38
C ASN A 292 -3.66 5.63 9.54
N MET A 293 -4.13 4.45 9.95
CA MET A 293 -5.08 4.35 11.06
C MET A 293 -4.42 4.78 12.38
N PRO A 294 -5.18 5.43 13.28
CA PRO A 294 -4.66 5.69 14.62
C PRO A 294 -4.43 4.42 15.39
N SER A 295 -3.90 4.51 16.60
CA SER A 295 -3.55 3.33 17.37
C SER A 295 -4.36 3.27 18.66
N TRP A 296 -4.89 2.08 18.97
CA TRP A 296 -5.60 1.84 20.22
C TRP A 296 -4.90 0.80 21.09
N GLY A 297 -3.72 0.34 20.69
CA GLY A 297 -3.06 -0.72 21.43
C GLY A 297 -3.60 -2.08 21.02
N GLN A 298 -3.01 -3.12 21.62
CA GLN A 298 -3.42 -4.49 21.33
C GLN A 298 -4.48 -4.96 22.31
N PRO A 299 -5.43 -5.77 21.83
CA PRO A 299 -5.34 -6.44 20.53
C PRO A 299 -6.06 -5.69 19.41
N ILE A 300 -6.54 -4.48 19.69
CA ILE A 300 -7.28 -3.69 18.70
C ILE A 300 -6.49 -3.27 17.45
N ASP A 301 -5.19 -3.05 17.59
CA ASP A 301 -4.35 -2.61 16.47
C ASP A 301 -4.09 -3.77 15.50
N GLU A 302 -3.81 -4.97 16.01
CA GLU A 302 -3.61 -6.12 15.13
C GLU A 302 -4.88 -6.44 14.35
N TRP A 303 -6.05 -6.38 15.00
CA TRP A 303 -7.31 -6.63 14.30
C TRP A 303 -7.50 -5.68 13.12
N VAL A 304 -7.31 -4.38 13.36
CA VAL A 304 -7.48 -3.37 12.31
C VAL A 304 -6.55 -3.67 11.13
N THR A 305 -5.29 -3.99 11.43
CA THR A 305 -4.33 -4.27 10.35
C THR A 305 -4.77 -5.48 9.54
N ARG A 306 -5.14 -6.57 10.23
CA ARG A 306 -5.57 -7.77 9.52
C ARG A 306 -6.87 -7.52 8.76
N TYR A 307 -7.79 -6.72 9.32
CA TYR A 307 -9.01 -6.38 8.60
C TYR A 307 -8.70 -5.65 7.30
N ILE A 308 -7.82 -4.65 7.34
CA ILE A 308 -7.46 -3.91 6.14
C ILE A 308 -6.72 -4.81 5.15
N GLU A 309 -5.88 -5.72 5.66
CA GLU A 309 -5.26 -6.70 4.77
C GLU A 309 -6.31 -7.49 4.00
N GLY A 310 -7.42 -7.83 4.66
CA GLY A 310 -8.50 -8.51 3.97
C GLY A 310 -9.16 -7.64 2.92
N LEU A 311 -9.27 -6.33 3.18
CA LEU A 311 -9.80 -5.41 2.18
C LEU A 311 -8.90 -5.34 0.96
N GLY A 312 -7.59 -5.30 1.17
CA GLY A 312 -6.66 -5.23 0.06
C GLY A 312 -6.66 -6.48 -0.80
N ASN A 313 -6.77 -7.66 -0.16
CA ASN A 313 -6.82 -8.93 -0.90
C ASN A 313 -8.15 -9.11 -1.64
N TRP A 314 -9.26 -8.62 -1.08
CA TRP A 314 -10.55 -8.71 -1.77
C TRP A 314 -10.49 -8.09 -3.17
N VAL A 315 -9.78 -6.97 -3.32
CA VAL A 315 -9.70 -6.31 -4.63
C VAL A 315 -9.01 -7.23 -5.64
N ARG A 316 -7.91 -7.85 -5.23
CA ARG A 316 -7.24 -8.82 -6.10
C ARG A 316 -8.14 -10.04 -6.34
N ALA A 317 -8.76 -10.57 -5.28
CA ALA A 317 -9.51 -11.82 -5.39
C ALA A 317 -10.66 -11.67 -6.36
N ASN A 318 -11.42 -10.57 -6.22
CA ASN A 318 -12.50 -10.26 -7.14
C ASN A 318 -12.00 -10.24 -8.57
N ASP A 319 -10.84 -9.60 -8.80
CA ASP A 319 -10.33 -9.47 -10.17
C ASP A 319 -9.90 -10.82 -10.72
N ALA A 320 -9.13 -11.58 -9.93
CA ALA A 320 -8.72 -12.91 -10.37
C ALA A 320 -9.93 -13.78 -10.71
N TRP A 321 -10.94 -13.78 -9.84
CA TRP A 321 -12.13 -14.60 -10.10
C TRP A 321 -12.86 -14.13 -11.36
N SER A 322 -12.96 -12.82 -11.54
CA SER A 322 -13.72 -12.28 -12.66
C SER A 322 -13.18 -12.74 -14.00
N PHE A 323 -11.86 -12.98 -14.08
CA PHE A 323 -11.24 -13.45 -15.33
C PHE A 323 -11.16 -14.97 -15.39
N GLU A 324 -10.90 -15.66 -14.26
CA GLU A 324 -10.77 -17.12 -14.28
C GLU A 324 -12.14 -17.81 -14.40
N SER A 325 -13.17 -17.24 -13.78
CA SER A 325 -14.49 -17.85 -13.81
C SER A 325 -15.07 -17.85 -15.22
N TRP A 326 -16.08 -18.69 -15.39
CA TRP A 326 -16.95 -18.70 -16.56
C TRP A 326 -17.95 -17.54 -16.57
N ARG A 327 -18.12 -16.84 -15.45
CA ARG A 327 -19.27 -15.97 -15.23
C ARG A 327 -19.38 -14.85 -16.27
N TYR A 328 -18.28 -14.21 -16.61
CA TYR A 328 -18.28 -13.07 -17.54
C TYR A 328 -17.72 -13.39 -18.91
N PHE A 329 -16.65 -14.17 -18.99
CA PHE A 329 -15.92 -14.36 -20.24
C PHE A 329 -15.93 -15.80 -20.73
N LYS A 330 -16.77 -16.65 -20.15
CA LYS A 330 -16.79 -18.08 -20.42
C LYS A 330 -15.40 -18.69 -20.27
N TYR A 331 -14.82 -19.20 -21.37
CA TYR A 331 -13.49 -19.79 -21.32
C TYR A 331 -12.41 -18.90 -21.97
N ASP A 332 -12.71 -17.62 -22.16
CA ASP A 332 -11.80 -16.69 -22.84
C ASP A 332 -11.14 -15.71 -21.87
N GLY A 333 -11.44 -15.81 -20.57
CA GLY A 333 -11.06 -14.76 -19.65
C GLY A 333 -9.58 -14.70 -19.35
N LEU A 334 -8.88 -15.83 -19.40
CA LEU A 334 -7.44 -15.79 -19.13
C LEU A 334 -6.70 -15.07 -20.26
N ARG A 335 -7.12 -15.27 -21.50
CA ARG A 335 -6.55 -14.48 -22.58
C ARG A 335 -6.84 -13.00 -22.38
N ILE A 336 -8.10 -12.67 -22.07
CA ILE A 336 -8.46 -11.26 -21.90
C ILE A 336 -7.68 -10.67 -20.76
N GLN A 337 -7.53 -11.43 -19.66
CA GLN A 337 -6.75 -10.93 -18.53
C GLN A 337 -5.35 -10.51 -18.96
N LYS A 338 -4.76 -11.25 -19.90
CA LYS A 338 -3.41 -10.93 -20.36
C LYS A 338 -3.40 -9.78 -21.36
N GLU A 339 -4.24 -9.88 -22.41
CA GLU A 339 -4.22 -8.98 -23.57
C GLU A 339 -5.07 -7.72 -23.39
N ARG A 340 -6.11 -7.79 -22.55
CA ARG A 340 -7.03 -6.70 -22.19
C ARG A 340 -8.03 -6.39 -23.29
N TRP A 341 -7.66 -6.66 -24.55
CA TRP A 341 -8.53 -6.39 -25.69
C TRP A 341 -9.71 -7.36 -25.75
N VAL A 342 -10.90 -6.81 -25.97
CA VAL A 342 -12.12 -7.62 -26.05
C VAL A 342 -13.00 -7.23 -27.22
N GLU A 343 -13.40 -8.24 -28.00
CA GLU A 343 -14.26 -8.05 -29.15
C GLU A 343 -15.68 -7.82 -28.69
N LEU A 344 -16.30 -6.76 -29.22
CA LEU A 344 -17.64 -6.40 -28.87
C LEU A 344 -18.65 -7.42 -29.35
N LEU A 345 -19.41 -8.00 -28.45
CA LEU A 345 -20.40 -8.98 -28.86
C LEU A 345 -21.46 -8.30 -29.73
N PRO A 346 -21.95 -8.95 -30.77
CA PRO A 346 -23.03 -8.39 -31.58
C PRO A 346 -24.35 -8.45 -30.81
N PRO A 347 -25.38 -7.72 -31.25
CA PRO A 347 -26.66 -7.80 -30.55
C PRO A 347 -27.13 -9.24 -30.41
N ALA A 348 -27.70 -9.55 -29.25
CA ALA A 348 -28.20 -10.90 -29.00
C ALA A 348 -29.58 -11.07 -29.62
N THR B 21 11.08 30.74 -15.49
CA THR B 21 11.36 31.41 -14.23
C THR B 21 10.96 30.53 -13.04
N ARG B 22 10.09 29.57 -13.29
CA ARG B 22 9.63 28.66 -12.24
C ARG B 22 9.45 27.24 -12.76
N PHE B 23 9.63 26.27 -11.87
CA PHE B 23 9.50 24.88 -12.23
C PHE B 23 8.68 24.15 -11.21
N PHE B 24 8.05 23.07 -11.65
CA PHE B 24 7.20 22.26 -10.81
C PHE B 24 7.81 20.94 -10.35
N ILE B 25 8.13 20.89 -9.06
CA ILE B 25 8.69 19.70 -8.44
C ILE B 25 7.56 18.70 -8.35
N PRO B 26 7.70 17.57 -9.05
CA PRO B 26 6.67 16.52 -9.09
C PRO B 26 6.34 15.97 -7.75
N ASP B 27 5.05 15.73 -7.53
CA ASP B 27 4.57 15.17 -6.28
C ASP B 27 4.71 13.65 -6.31
N THR B 28 5.96 13.21 -6.31
CA THR B 28 6.30 11.78 -6.37
C THR B 28 5.76 10.91 -5.23
N LEU B 29 5.57 11.49 -4.04
CA LEU B 29 5.09 10.68 -2.95
C LEU B 29 3.66 10.95 -2.55
N ALA B 30 2.91 11.49 -3.45
CA ALA B 30 1.53 11.81 -3.17
C ALA B 30 0.72 10.65 -2.61
N ASN B 31 0.84 9.48 -3.24
CA ASN B 31 0.10 8.29 -2.80
C ASN B 31 0.94 7.19 -2.19
N TRP B 32 2.16 7.53 -1.75
CA TRP B 32 3.04 6.54 -1.14
C TRP B 32 2.43 6.02 0.16
N PRO B 33 2.40 4.69 0.37
CA PRO B 33 1.60 4.14 1.48
C PRO B 33 2.12 4.47 2.86
N TRP B 34 3.36 4.96 3.03
CA TRP B 34 3.84 5.26 4.37
C TRP B 34 3.60 6.73 4.68
N PRO B 35 2.82 7.05 5.70
CA PRO B 35 2.59 8.46 6.04
C PRO B 35 3.72 9.03 6.87
N ARG B 36 3.77 10.37 6.91
CA ARG B 36 4.75 11.06 7.75
C ARG B 36 4.56 10.69 9.21
N ALA B 37 5.65 10.26 9.85
CA ALA B 37 5.63 9.84 11.24
C ALA B 37 6.88 10.36 11.92
N LEU B 38 6.76 10.75 13.19
CA LEU B 38 7.83 11.38 13.94
C LEU B 38 8.02 10.63 15.25
N ASN B 39 9.26 10.24 15.54
CA ASN B 39 9.55 9.54 16.78
C ASN B 39 9.11 10.39 17.96
N PRO B 40 8.44 9.81 18.97
CA PRO B 40 7.97 10.63 20.11
C PRO B 40 9.09 11.27 20.89
N ALA B 41 10.30 10.72 20.84
CA ALA B 41 11.44 11.30 21.53
C ALA B 41 12.18 12.36 20.70
N TYR B 42 11.58 12.87 19.62
CA TYR B 42 12.26 13.88 18.81
C TYR B 42 12.86 14.98 19.66
N GLU B 43 12.03 15.64 20.48
CA GLU B 43 12.50 16.79 21.26
C GLU B 43 13.69 16.41 22.14
N GLN B 44 13.58 15.35 22.90
CA GLN B 44 14.64 14.96 23.78
C GLN B 44 15.83 14.51 23.01
N CYS B 45 15.61 13.70 22.00
CA CYS B 45 16.66 13.20 21.15
C CYS B 45 17.40 14.35 20.51
N LYS B 46 16.67 15.34 20.00
CA LYS B 46 17.25 16.55 19.48
C LYS B 46 18.14 17.29 20.44
N ALA B 47 17.65 17.54 21.64
CA ALA B 47 18.46 18.25 22.63
C ALA B 47 19.69 17.45 23.12
N ASP B 48 19.63 16.14 23.09
CA ASP B 48 20.76 15.33 23.53
C ASP B 48 21.85 15.26 22.46
N SER B 49 21.45 14.90 21.24
CA SER B 49 22.42 14.78 20.15
C SER B 49 23.06 16.13 19.84
N ALA B 50 22.27 17.21 19.84
CA ALA B 50 22.83 18.54 19.65
C ALA B 50 23.90 18.84 20.69
N ALA B 51 23.58 18.59 21.97
CA ALA B 51 24.58 18.77 23.03
C ALA B 51 25.81 17.90 22.79
N TRP B 52 25.61 16.60 22.52
CA TRP B 52 26.73 15.69 22.33
C TRP B 52 27.63 16.18 21.20
N CYS B 53 27.04 16.54 20.07
CA CYS B 53 27.84 17.10 18.98
C CYS B 53 28.53 18.39 19.43
N GLU B 54 27.75 19.38 19.90
CA GLU B 54 28.26 20.74 20.02
C GLU B 54 29.20 20.93 21.21
N LYS B 55 29.30 19.96 22.10
CA LYS B 55 30.31 20.03 23.16
C LYS B 55 31.72 19.95 22.63
N TYR B 56 31.90 19.47 21.39
CA TYR B 56 33.21 19.36 20.79
C TYR B 56 33.66 20.65 20.13
N LYS B 57 32.78 21.63 20.01
CA LYS B 57 33.12 22.93 19.42
C LYS B 57 33.77 22.76 18.06
N ALA B 58 33.32 21.76 17.29
CA ALA B 58 34.02 21.34 16.07
C ALA B 58 33.42 21.89 14.79
N PHE B 59 32.40 22.74 14.87
CA PHE B 59 31.85 23.41 13.69
C PHE B 59 32.31 24.85 13.63
N SER B 60 32.63 25.32 12.42
CA SER B 60 32.81 26.73 12.17
C SER B 60 31.51 27.48 12.46
N PRO B 61 31.59 28.81 12.62
CA PRO B 61 30.36 29.62 12.74
C PRO B 61 29.35 29.39 11.61
N LYS B 62 29.79 29.46 10.35
CA LYS B 62 28.89 29.16 9.24
C LYS B 62 28.24 27.79 9.41
N ALA B 63 29.05 26.77 9.75
CA ALA B 63 28.53 25.41 9.89
C ALA B 63 27.52 25.30 11.02
N GLN B 64 27.77 25.98 12.14
CA GLN B 64 26.87 25.90 13.29
C GLN B 64 25.46 26.35 12.93
N LYS B 65 25.37 27.41 12.12
CA LYS B 65 24.06 27.91 11.70
C LYS B 65 23.36 26.86 10.84
N ALA B 66 24.13 26.22 9.97
CA ALA B 66 23.58 25.18 9.10
C ALA B 66 23.12 23.99 9.93
N PHE B 67 24.03 23.49 10.77
CA PHE B 67 23.73 22.38 11.63
C PHE B 67 22.39 22.62 12.33
N ASN B 68 22.24 23.77 12.94
CA ASN B 68 21.02 24.04 13.62
C ASN B 68 19.78 24.14 12.74
N LEU B 69 19.90 24.88 11.67
CA LEU B 69 18.74 25.13 10.81
C LEU B 69 18.37 23.91 9.96
N CYS B 70 19.33 23.03 9.68
CA CYS B 70 19.01 21.82 8.93
C CYS B 70 18.29 20.80 9.78
N ASP B 71 18.52 20.82 11.09
CA ASP B 71 17.84 19.97 12.05
C ASP B 71 17.90 18.49 11.62
N PHE B 72 19.11 17.94 11.67
CA PHE B 72 19.29 16.55 11.30
C PHE B 72 18.64 15.61 12.31
N ASN B 73 18.26 16.14 13.45
CA ASN B 73 17.54 15.43 14.46
C ASN B 73 16.12 15.18 13.94
N LEU B 74 15.56 16.14 13.23
CA LEU B 74 14.26 15.96 12.60
C LEU B 74 14.33 14.88 11.54
N LEU B 75 15.28 14.98 10.61
CA LEU B 75 15.51 13.92 9.64
C LEU B 75 15.57 12.56 10.32
N ALA B 76 16.41 12.44 11.35
CA ALA B 76 16.57 11.13 12.01
C ALA B 76 15.28 10.68 12.66
N SER B 77 14.58 11.58 13.35
CA SER B 77 13.38 11.24 14.09
C SER B 77 12.20 10.93 13.17
N LEU B 78 12.23 11.43 11.93
CA LEU B 78 11.27 10.99 10.92
C LEU B 78 11.61 9.58 10.43
N ALA B 79 12.89 9.34 10.15
CA ALA B 79 13.30 8.06 9.57
C ALA B 79 13.09 6.91 10.54
N TYR B 80 13.39 7.13 11.82
CA TYR B 80 13.34 6.09 12.84
C TYR B 80 12.12 6.27 13.75
N ALA B 81 11.03 6.76 13.16
CA ALA B 81 9.86 7.18 13.94
C ALA B 81 9.29 6.02 14.76
N HIS B 82 9.31 4.81 14.20
CA HIS B 82 8.70 3.66 14.84
C HIS B 82 9.71 2.85 15.64
N LEU B 83 10.93 3.32 15.77
CA LEU B 83 11.98 2.60 16.46
C LEU B 83 12.05 3.06 17.90
N PRO B 84 12.72 2.31 18.77
CA PRO B 84 12.86 2.75 20.16
C PRO B 84 13.62 4.07 20.30
N GLU B 85 13.48 4.65 21.48
CA GLU B 85 14.10 5.94 21.80
C GLU B 85 15.60 5.93 21.62
N ASP B 86 16.29 4.97 22.24
CA ASP B 86 17.75 5.03 22.18
C ASP B 86 18.27 4.82 20.76
N VAL B 87 17.58 4.01 19.95
CA VAL B 87 18.00 3.87 18.56
C VAL B 87 17.77 5.18 17.82
N ASN B 88 16.62 5.82 18.08
CA ASN B 88 16.36 7.13 17.49
C ASN B 88 17.48 8.11 17.84
N ARG B 89 18.00 8.01 19.07
CA ARG B 89 19.12 8.86 19.43
C ARG B 89 20.36 8.50 18.62
N VAL B 90 20.60 7.21 18.40
CA VAL B 90 21.70 6.79 17.54
C VAL B 90 21.52 7.37 16.14
N GLY B 91 20.28 7.32 15.62
CA GLY B 91 20.02 7.88 14.31
C GLY B 91 20.34 9.37 14.25
N CYS B 92 19.95 10.10 15.30
CA CYS B 92 20.29 11.51 15.40
C CYS B 92 21.81 11.70 15.34
N ASP B 93 22.54 10.93 16.15
CA ASP B 93 23.99 11.00 16.17
C ASP B 93 24.59 10.64 14.81
N LEU B 94 23.96 9.70 14.11
CA LEU B 94 24.50 9.29 12.80
C LEU B 94 24.34 10.40 11.78
N MET B 95 23.14 10.99 11.69
CA MET B 95 22.93 12.09 10.76
C MET B 95 23.87 13.24 11.07
N ASN B 96 24.04 13.55 12.36
CA ASN B 96 24.96 14.62 12.73
C ASN B 96 26.39 14.24 12.37
N LEU B 97 26.76 12.97 12.55
CA LEU B 97 28.09 12.51 12.19
C LEU B 97 28.34 12.66 10.68
N PHE B 98 27.31 12.43 9.87
CA PHE B 98 27.44 12.61 8.43
C PHE B 98 27.87 14.04 8.12
N PHE B 99 27.21 15.00 8.76
CA PHE B 99 27.61 16.40 8.63
C PHE B 99 29.04 16.62 9.11
N VAL B 100 29.39 16.08 10.28
CA VAL B 100 30.76 16.26 10.80
C VAL B 100 31.76 15.76 9.79
N VAL B 101 31.52 14.57 9.21
CA VAL B 101 32.45 14.02 8.23
C VAL B 101 32.57 14.95 7.04
N ASP B 102 31.44 15.45 6.54
CA ASP B 102 31.45 16.40 5.43
C ASP B 102 32.25 17.65 5.79
N GLU B 103 31.88 18.29 6.88
CA GLU B 103 32.52 19.50 7.37
C GLU B 103 34.01 19.32 7.63
N HIS B 104 34.41 18.22 8.23
CA HIS B 104 35.82 17.97 8.49
C HIS B 104 36.50 17.32 7.28
N SER B 105 35.79 17.26 6.16
CA SER B 105 36.30 16.66 4.93
C SER B 105 36.70 17.73 3.92
N VAL B 113 43.96 11.36 3.24
CA VAL B 113 42.57 10.92 3.16
C VAL B 113 42.44 9.50 3.66
N HIS B 114 43.39 8.63 3.29
CA HIS B 114 43.32 7.25 3.77
C HIS B 114 43.58 7.17 5.27
N VAL B 115 44.54 7.95 5.78
CA VAL B 115 44.84 7.93 7.21
C VAL B 115 43.69 8.51 8.00
N TRP B 116 43.07 9.58 7.48
CA TRP B 116 41.94 10.20 8.14
C TRP B 116 40.77 9.22 8.28
N VAL B 117 40.41 8.52 7.19
CA VAL B 117 39.31 7.56 7.31
C VAL B 117 39.72 6.40 8.20
N GLU B 118 41.00 6.03 8.20
CA GLU B 118 41.42 4.90 9.03
C GLU B 118 41.35 5.24 10.51
N ILE B 119 41.46 6.53 10.86
CA ILE B 119 41.19 6.96 12.22
C ILE B 119 39.72 6.67 12.59
N ILE B 120 38.79 7.04 11.70
CA ILE B 120 37.39 6.84 12.00
C ILE B 120 37.09 5.35 12.14
N MET B 121 37.60 4.55 11.21
CA MET B 121 37.34 3.11 11.26
C MET B 121 37.91 2.50 12.54
N ASP B 122 39.11 2.92 12.94
CA ASP B 122 39.77 2.33 14.11
C ASP B 122 39.04 2.67 15.40
N ALA B 123 38.48 3.88 15.50
CA ALA B 123 37.61 4.20 16.63
C ALA B 123 36.39 3.30 16.64
N LEU B 124 35.75 3.10 15.48
CA LEU B 124 34.60 2.22 15.37
C LEU B 124 34.96 0.80 15.78
N ARG B 125 36.13 0.33 15.36
CA ARG B 125 36.54 -1.04 15.67
C ARG B 125 36.91 -1.21 17.14
N ASN B 126 37.36 -0.13 17.77
CA ASN B 126 37.78 -0.17 19.14
C ASN B 126 37.20 0.93 19.98
N PRO B 127 35.89 0.86 20.25
CA PRO B 127 35.16 1.87 21.04
C PRO B 127 35.67 2.21 22.46
N THR B 128 36.49 1.34 23.05
CA THR B 128 37.02 1.57 24.39
C THR B 128 38.51 1.89 24.38
N LYS B 129 38.99 2.46 23.29
CA LYS B 129 40.40 2.82 23.17
C LYS B 129 40.57 4.33 23.21
N PRO B 130 41.51 4.82 24.05
CA PRO B 130 41.72 6.26 24.15
C PRO B 130 42.39 6.83 22.91
N ARG B 131 41.73 7.78 22.26
CA ARG B 131 42.27 8.40 21.06
C ARG B 131 43.40 9.37 21.40
N PRO B 132 44.52 9.28 20.67
CA PRO B 132 45.68 10.13 20.87
C PRO B 132 45.29 11.60 20.99
N ASP B 133 46.08 12.37 21.75
CA ASP B 133 45.80 13.78 21.96
C ASP B 133 46.11 14.65 20.74
N ASP B 134 46.99 14.16 19.86
CA ASP B 134 47.34 14.91 18.70
C ASP B 134 46.68 14.34 17.47
N GLU B 135 45.38 14.14 17.53
CA GLU B 135 44.65 13.58 16.42
C GLU B 135 43.42 14.41 16.12
N PRO B 136 42.98 14.43 14.88
CA PRO B 136 41.74 15.18 14.59
C PRO B 136 40.58 14.74 15.49
N ILE B 137 39.77 15.71 15.89
CA ILE B 137 38.72 15.43 16.88
C ILE B 137 37.66 14.49 16.33
N VAL B 138 37.58 14.32 15.00
CA VAL B 138 36.62 13.38 14.43
C VAL B 138 36.83 11.98 14.97
N GLY B 139 38.04 11.65 15.43
CA GLY B 139 38.28 10.31 15.94
C GLY B 139 37.55 10.08 17.25
N GLU B 140 37.58 11.06 18.13
CA GLU B 140 36.87 10.92 19.39
C GLU B 140 35.37 11.05 19.21
N ILE B 141 34.91 11.96 18.32
CA ILE B 141 33.49 12.04 18.03
C ILE B 141 32.98 10.71 17.51
N SER B 142 33.70 10.10 16.57
CA SER B 142 33.31 8.80 16.06
C SER B 142 33.32 7.76 17.17
N ARG B 143 34.29 7.85 18.08
CA ARG B 143 34.39 6.86 19.15
C ARG B 143 33.19 6.93 20.09
N THR B 144 32.92 8.12 20.66
CA THR B 144 31.80 8.23 21.60
C THR B 144 30.47 7.95 20.91
N PHE B 145 30.35 8.26 19.62
CA PHE B 145 29.16 7.86 18.88
C PHE B 145 28.95 6.35 18.97
N TRP B 146 29.99 5.57 18.66
CA TRP B 146 29.84 4.12 18.58
C TRP B 146 29.77 3.50 19.97
N GLU B 147 30.52 4.06 20.93
CA GLU B 147 30.39 3.65 22.33
C GLU B 147 28.93 3.64 22.74
N ASN B 148 28.20 4.68 22.37
CA ASN B 148 26.78 4.77 22.71
C ASN B 148 25.93 3.86 21.82
N ALA B 149 26.29 3.75 20.54
CA ALA B 149 25.44 3.00 19.60
C ALA B 149 25.40 1.51 19.93
N ILE B 150 26.52 0.93 20.37
CA ILE B 150 26.58 -0.51 20.60
C ILE B 150 25.78 -0.89 21.82
N LYS B 151 25.23 0.11 22.53
CA LYS B 151 24.30 -0.19 23.61
C LYS B 151 22.88 -0.46 23.11
N CYS B 152 22.58 -0.28 21.82
CA CYS B 152 21.24 -0.64 21.38
C CYS B 152 21.22 -1.23 19.96
N LEU B 153 22.38 -1.46 19.35
CA LEU B 153 22.46 -2.16 18.08
C LEU B 153 23.03 -3.55 18.35
N GLY B 154 22.28 -4.58 17.99
CA GLY B 154 22.74 -5.95 18.12
C GLY B 154 23.93 -6.24 17.23
N PRO B 155 24.51 -7.44 17.37
CA PRO B 155 25.75 -7.74 16.65
C PRO B 155 25.61 -7.67 15.14
N THR B 156 24.47 -8.09 14.59
CA THR B 156 24.30 -8.02 13.13
C THR B 156 24.19 -6.57 12.66
N SER B 157 23.40 -5.76 13.38
CA SER B 157 23.29 -4.35 13.04
C SER B 157 24.64 -3.66 13.16
N GLN B 158 25.38 -3.96 14.23
CA GLN B 158 26.74 -3.44 14.38
C GLN B 158 27.60 -3.83 13.18
N LYS B 159 27.67 -5.14 12.89
CA LYS B 159 28.47 -5.59 11.77
C LYS B 159 28.02 -4.93 10.47
N ARG B 160 26.72 -4.79 10.27
CA ARG B 160 26.23 -4.19 9.03
C ARG B 160 26.65 -2.74 8.91
N PHE B 161 26.57 -1.99 10.01
CA PHE B 161 26.92 -0.58 9.96
C PHE B 161 28.40 -0.39 9.66
N ILE B 162 29.27 -1.15 10.33
CA ILE B 162 30.70 -0.94 10.16
C ILE B 162 31.10 -1.24 8.72
N GLU B 163 30.58 -2.35 8.17
CA GLU B 163 30.83 -2.68 6.78
C GLU B 163 30.37 -1.56 5.84
N THR B 164 29.12 -1.12 5.98
CA THR B 164 28.60 -0.13 5.04
C THR B 164 29.20 1.24 5.25
N PHE B 165 29.45 1.61 6.52
CA PHE B 165 30.01 2.94 6.77
C PHE B 165 31.40 3.08 6.17
N GLU B 166 32.22 2.02 6.27
CA GLU B 166 33.54 2.05 5.65
C GLU B 166 33.42 2.29 4.14
N THR B 167 32.48 1.59 3.49
CA THR B 167 32.32 1.76 2.06
C THR B 167 31.86 3.18 1.74
N TYR B 168 30.99 3.73 2.58
CA TYR B 168 30.58 5.12 2.43
C TYR B 168 31.78 6.05 2.53
N LEU B 169 32.61 5.88 3.55
CA LEU B 169 33.76 6.76 3.74
C LEU B 169 34.69 6.70 2.54
N TYR B 170 35.02 5.50 2.07
CA TYR B 170 35.89 5.38 0.91
C TYR B 170 35.25 5.98 -0.32
N ALA B 171 33.94 5.82 -0.47
CA ALA B 171 33.25 6.37 -1.63
C ALA B 171 33.25 7.90 -1.58
N VAL B 172 32.98 8.50 -0.42
CA VAL B 172 32.82 9.95 -0.39
C VAL B 172 34.13 10.67 -0.18
N ILE B 173 35.04 10.13 0.64
CA ILE B 173 36.22 10.87 1.08
C ILE B 173 37.43 10.48 0.24
N VAL B 174 37.78 9.19 0.22
CA VAL B 174 39.03 8.78 -0.40
C VAL B 174 38.96 8.92 -1.92
N GLN B 175 37.77 8.82 -2.47
CA GLN B 175 37.59 8.94 -3.92
C GLN B 175 37.08 10.30 -4.37
N ALA B 176 36.96 11.22 -3.42
CA ALA B 176 36.47 12.57 -3.72
C ALA B 176 37.35 13.27 -4.75
N ASP B 177 38.66 13.10 -4.60
CA ASP B 177 39.62 13.72 -5.51
C ASP B 177 39.39 13.28 -6.95
N ASP B 178 39.51 11.98 -7.20
CA ASP B 178 39.33 11.44 -8.54
C ASP B 178 37.94 11.78 -9.10
N ARG B 179 37.00 12.05 -8.20
CA ARG B 179 35.65 12.39 -8.61
C ARG B 179 35.42 13.91 -8.70
N PHE B 184 30.50 11.94 -15.63
CA PHE B 184 29.64 10.77 -15.62
C PHE B 184 29.10 10.42 -16.99
N ARG B 185 29.40 9.22 -17.48
CA ARG B 185 28.97 8.72 -18.77
C ARG B 185 27.52 8.96 -19.05
N ASP B 186 26.66 8.52 -18.16
CA ASP B 186 25.23 8.67 -18.32
C ASP B 186 24.61 8.78 -16.93
N VAL B 187 23.29 8.68 -16.87
CA VAL B 187 22.61 8.77 -15.57
C VAL B 187 22.76 7.46 -14.81
N ASP B 188 22.76 6.32 -15.51
CA ASP B 188 22.85 5.02 -14.84
C ASP B 188 24.19 4.86 -14.13
N SER B 189 25.26 5.42 -14.70
CA SER B 189 26.56 5.38 -14.03
C SER B 189 26.66 6.39 -12.88
N TYR B 190 25.87 7.45 -12.91
CA TYR B 190 25.79 8.30 -11.73
C TYR B 190 25.12 7.55 -10.59
N MET B 191 24.02 6.85 -10.88
CA MET B 191 23.26 6.20 -9.82
C MET B 191 24.05 5.07 -9.19
N VAL B 192 24.99 4.48 -9.93
CA VAL B 192 25.83 3.43 -9.34
C VAL B 192 26.75 4.02 -8.26
N VAL B 193 27.37 5.15 -8.55
CA VAL B 193 28.23 5.80 -7.56
C VAL B 193 27.42 6.40 -6.43
N ARG B 194 26.27 6.99 -6.75
CA ARG B 194 25.48 7.72 -5.76
C ARG B 194 24.81 6.78 -4.76
N ARG B 195 24.53 5.54 -5.16
CA ARG B 195 24.00 4.56 -4.22
C ARG B 195 24.93 4.34 -3.03
N ASP B 196 26.22 4.63 -3.17
CA ASP B 196 27.16 4.52 -2.08
C ASP B 196 27.50 5.84 -1.41
N THR B 197 27.41 6.97 -2.12
CA THR B 197 27.78 8.25 -1.52
C THR B 197 26.64 8.89 -0.71
N ILE B 198 25.39 8.47 -0.93
CA ILE B 198 24.28 9.13 -0.24
C ILE B 198 24.17 8.69 1.21
N GLY B 199 24.77 7.55 1.58
CA GLY B 199 24.76 7.10 2.96
C GLY B 199 23.52 6.39 3.41
N ALA B 200 22.68 5.94 2.46
CA ALA B 200 21.49 5.19 2.82
C ALA B 200 21.84 3.87 3.50
N LYS B 201 22.81 3.15 2.95
CA LYS B 201 23.11 1.81 3.44
C LYS B 201 23.48 1.79 4.92
N PRO B 202 24.39 2.63 5.41
CA PRO B 202 24.64 2.63 6.87
C PRO B 202 23.41 3.05 7.65
N SER B 203 22.62 3.99 7.15
CA SER B 203 21.41 4.38 7.85
C SER B 203 20.42 3.21 7.96
N PHE B 204 20.36 2.37 6.93
CA PHE B 204 19.47 1.21 6.96
C PHE B 204 19.90 0.20 8.01
N ALA B 205 21.19 0.17 8.37
CA ALA B 205 21.65 -0.79 9.35
C ALA B 205 20.98 -0.60 10.70
N LEU B 206 20.59 0.64 11.02
CA LEU B 206 19.92 0.92 12.28
C LEU B 206 18.55 0.24 12.35
N LEU B 207 17.90 0.03 11.19
CA LEU B 207 16.65 -0.73 11.16
C LEU B 207 16.82 -2.15 11.67
N GLU B 208 18.05 -2.67 11.69
CA GLU B 208 18.32 -4.01 12.14
C GLU B 208 18.71 -4.07 13.61
N HIS B 209 18.38 -3.03 14.40
CA HIS B 209 18.95 -2.90 15.73
C HIS B 209 18.77 -4.16 16.57
N ASN B 210 17.55 -4.72 16.58
CA ASN B 210 17.25 -5.92 17.35
C ASN B 210 16.90 -7.11 16.45
N MET B 211 17.38 -7.08 15.21
CA MET B 211 17.24 -8.13 14.23
C MET B 211 18.52 -8.94 14.12
N ASP B 212 18.37 -10.18 13.65
CA ASP B 212 19.51 -11.00 13.30
C ASP B 212 19.28 -11.66 11.95
N LEU B 213 19.21 -10.82 10.89
CA LEU B 213 18.97 -11.33 9.54
C LEU B 213 20.19 -12.08 9.03
N PRO B 214 20.07 -13.37 8.74
CA PRO B 214 21.21 -14.06 8.18
C PRO B 214 21.50 -13.55 6.77
N ASP B 215 22.74 -13.74 6.34
CA ASP B 215 23.15 -13.29 5.00
C ASP B 215 22.28 -13.83 3.88
N ASP B 216 21.66 -14.98 4.10
CA ASP B 216 20.80 -15.61 3.10
C ASP B 216 19.46 -14.90 2.96
N VAL B 217 19.12 -14.06 3.93
CA VAL B 217 17.88 -13.32 3.94
C VAL B 217 18.11 -11.88 3.47
N PHE B 218 19.08 -11.23 4.08
CA PHE B 218 19.43 -9.85 3.73
C PHE B 218 19.81 -9.70 2.25
N ASN B 219 20.52 -10.68 1.69
CA ASN B 219 20.92 -10.60 0.30
C ASN B 219 20.00 -11.36 -0.64
N HIS B 220 18.85 -11.83 -0.17
CA HIS B 220 17.90 -12.46 -1.08
C HIS B 220 17.59 -11.48 -2.22
N PRO B 221 17.49 -11.97 -3.44
CA PRO B 221 17.43 -11.03 -4.59
C PRO B 221 16.26 -10.06 -4.53
N LEU B 222 15.07 -10.52 -4.14
CA LEU B 222 13.94 -9.61 -4.04
C LEU B 222 14.20 -8.51 -3.01
N LEU B 223 14.80 -8.85 -1.86
CA LEU B 223 15.05 -7.85 -0.81
C LEU B 223 16.14 -6.86 -1.25
N GLU B 224 17.15 -7.34 -1.97
CA GLU B 224 18.11 -6.46 -2.62
C GLU B 224 17.42 -5.49 -3.57
N ASP B 225 16.45 -5.98 -4.35
CA ASP B 225 15.75 -5.10 -5.29
C ASP B 225 14.98 -4.02 -4.53
N LEU B 226 14.20 -4.42 -3.51
CA LEU B 226 13.43 -3.44 -2.73
C LEU B 226 14.35 -2.39 -2.14
N ARG B 227 15.45 -2.82 -1.52
CA ARG B 227 16.44 -1.89 -0.97
C ARG B 227 16.98 -0.95 -2.03
N THR B 228 17.38 -1.50 -3.19
CA THR B 228 17.94 -0.68 -4.27
C THR B 228 16.93 0.33 -4.77
N TRP B 229 15.68 -0.10 -4.98
CA TRP B 229 14.65 0.83 -5.44
C TRP B 229 14.44 1.96 -4.42
N CYS B 230 14.46 1.65 -3.12
CA CYS B 230 14.29 2.70 -2.12
C CYS B 230 15.46 3.68 -2.15
N ILE B 231 16.68 3.18 -2.30
CA ILE B 231 17.84 4.06 -2.34
C ILE B 231 17.76 5.00 -3.55
N ASP B 232 17.39 4.46 -4.71
CA ASP B 232 17.28 5.30 -5.90
C ASP B 232 16.20 6.37 -5.71
N MET B 233 15.08 6.02 -5.07
CA MET B 233 14.06 7.03 -4.80
C MET B 233 14.59 8.10 -3.83
N LEU B 234 15.41 7.69 -2.87
CA LEU B 234 16.04 8.67 -1.98
C LEU B 234 16.95 9.60 -2.78
N ILE B 235 17.70 9.05 -3.73
CA ILE B 235 18.60 9.87 -4.57
C ILE B 235 17.80 10.89 -5.36
N LEU B 236 16.73 10.44 -6.04
CA LEU B 236 15.97 11.36 -6.87
C LEU B 236 15.41 12.50 -6.04
N GLY B 237 14.83 12.17 -4.87
CA GLY B 237 14.22 13.18 -4.04
C GLY B 237 15.20 14.24 -3.59
N ASN B 238 16.40 13.82 -3.17
CA ASN B 238 17.35 14.81 -2.67
C ASN B 238 17.91 15.67 -3.79
N ASP B 239 18.16 15.09 -4.96
CA ASP B 239 18.63 15.89 -6.09
C ASP B 239 17.55 16.83 -6.57
N LEU B 240 16.29 16.39 -6.58
CA LEU B 240 15.19 17.29 -6.93
C LEU B 240 15.17 18.53 -6.05
N CYS B 241 15.42 18.36 -4.75
CA CYS B 241 15.29 19.46 -3.80
C CYS B 241 16.56 20.29 -3.68
N SER B 242 17.73 19.72 -3.92
CA SER B 242 18.95 20.52 -3.87
C SER B 242 19.22 21.27 -5.17
N TYR B 243 18.51 20.91 -6.25
CA TYR B 243 18.86 21.41 -7.58
C TYR B 243 18.79 22.93 -7.66
N ASN B 244 17.76 23.55 -7.08
CA ASN B 244 17.60 24.99 -7.25
C ASN B 244 18.82 25.76 -6.72
N VAL B 245 19.22 25.49 -5.48
CA VAL B 245 20.38 26.19 -4.93
C VAL B 245 21.65 25.81 -5.68
N GLU B 246 21.81 24.52 -6.00
CA GLU B 246 23.05 24.08 -6.63
C GLU B 246 23.24 24.74 -8.00
N GLN B 247 22.17 24.92 -8.78
CA GLN B 247 22.35 25.54 -10.09
C GLN B 247 22.64 27.03 -9.98
N SER B 248 22.10 27.72 -8.97
CA SER B 248 22.40 29.13 -8.80
C SER B 248 23.87 29.36 -8.48
N ARG B 249 24.58 28.35 -7.98
CA ARG B 249 25.97 28.49 -7.63
C ARG B 249 26.90 27.82 -8.63
N GLY B 250 26.37 27.23 -9.69
CA GLY B 250 27.19 26.42 -10.57
C GLY B 250 27.64 25.09 -9.99
N ASP B 251 27.02 24.61 -8.92
CA ASP B 251 27.38 23.36 -8.25
C ASP B 251 26.47 22.19 -8.61
N ASP B 252 25.83 22.23 -9.78
CA ASP B 252 24.86 21.22 -10.14
C ASP B 252 25.44 20.17 -11.07
N GLY B 253 26.77 20.14 -11.24
CA GLY B 253 27.37 19.25 -12.21
C GLY B 253 27.05 17.78 -11.97
N HIS B 254 26.87 17.40 -10.72
CA HIS B 254 26.56 16.01 -10.36
C HIS B 254 25.10 15.81 -9.99
N ASN B 255 24.27 16.85 -10.08
CA ASN B 255 22.86 16.72 -9.79
C ASN B 255 22.15 15.99 -10.93
N ILE B 256 21.31 15.01 -10.59
CA ILE B 256 20.67 14.19 -11.62
C ILE B 256 19.81 15.03 -12.56
N VAL B 257 19.31 16.16 -12.08
CA VAL B 257 18.49 17.03 -12.94
C VAL B 257 19.35 17.46 -14.13
N LYS B 258 20.53 18.00 -13.84
CA LYS B 258 21.45 18.44 -14.88
C LYS B 258 21.89 17.28 -15.76
N LEU B 259 22.17 16.14 -15.14
CA LEU B 259 22.59 15.00 -15.87
C LEU B 259 21.54 14.53 -16.85
N VAL B 260 20.30 14.58 -16.46
CA VAL B 260 19.23 14.17 -17.36
C VAL B 260 19.12 15.13 -18.54
N MET B 261 19.14 16.44 -18.26
CA MET B 261 19.10 17.45 -19.31
C MET B 261 20.15 17.21 -20.37
N LEU B 262 21.39 16.89 -19.94
CA LEU B 262 22.49 16.66 -20.88
C LEU B 262 22.33 15.36 -21.65
N GLN B 263 21.88 14.30 -20.97
CA GLN B 263 21.79 12.99 -21.60
C GLN B 263 20.60 12.91 -22.56
N GLU B 264 19.47 13.53 -22.21
CA GLU B 264 18.24 13.41 -22.98
C GLU B 264 17.94 14.67 -23.79
N ASN B 265 18.84 15.64 -23.78
CA ASN B 265 18.68 16.89 -24.48
C ASN B 265 17.36 17.55 -24.23
N ILE B 266 17.04 17.77 -22.96
CA ILE B 266 15.77 18.38 -22.58
C ILE B 266 15.98 19.56 -21.63
N ASP B 267 14.99 20.43 -21.57
CA ASP B 267 15.04 21.61 -20.70
C ASP B 267 14.82 21.22 -19.24
N LEU B 268 14.50 22.21 -18.40
CA LEU B 268 14.28 21.94 -16.99
C LEU B 268 12.92 21.29 -16.76
N HIS B 269 11.89 21.77 -17.45
CA HIS B 269 10.55 21.20 -17.31
C HIS B 269 10.51 19.76 -17.83
N GLY B 270 11.17 19.50 -18.95
CA GLY B 270 11.28 18.14 -19.46
C GLY B 270 12.07 17.24 -18.53
N ALA B 271 13.07 17.80 -17.84
CA ALA B 271 13.84 17.00 -16.88
C ALA B 271 12.99 16.61 -15.68
N MET B 272 12.13 17.52 -15.21
CA MET B 272 11.25 17.21 -14.07
C MET B 272 10.20 16.16 -14.45
N GLN B 273 9.69 16.22 -15.67
CA GLN B 273 8.79 15.16 -16.12
C GLN B 273 9.52 13.84 -16.23
N TYR B 274 10.73 13.86 -16.80
CA TYR B 274 11.49 12.62 -16.96
C TYR B 274 11.78 11.97 -15.61
N ILE B 275 12.17 12.77 -14.61
CA ILE B 275 12.50 12.23 -13.30
C ILE B 275 11.25 11.80 -12.57
N SER B 276 10.15 12.54 -12.72
CA SER B 276 8.86 12.10 -12.19
C SER B 276 8.47 10.73 -12.73
N ASP B 277 8.66 10.51 -14.03
CA ASP B 277 8.38 9.20 -14.60
C ASP B 277 9.31 8.14 -14.03
N MET B 278 10.61 8.47 -13.95
CA MET B 278 11.59 7.54 -13.38
C MET B 278 11.27 7.20 -11.93
N HIS B 279 10.86 8.19 -11.14
CA HIS B 279 10.45 7.90 -9.77
C HIS B 279 9.21 7.01 -9.74
N ASP B 280 8.22 7.30 -10.58
CA ASP B 280 7.00 6.48 -10.63
C ASP B 280 7.31 5.01 -10.92
N ASP B 281 8.21 4.75 -11.88
CA ASP B 281 8.57 3.37 -12.20
C ASP B 281 9.18 2.66 -11.00
N LEU B 282 10.05 3.35 -10.27
CA LEU B 282 10.65 2.77 -9.07
C LEU B 282 9.59 2.49 -8.01
N ALA B 283 8.72 3.48 -7.73
CA ALA B 283 7.68 3.28 -6.72
C ALA B 283 6.76 2.12 -7.11
N ASP B 284 6.40 2.04 -8.39
CA ASP B 284 5.57 0.95 -8.88
C ASP B 284 6.24 -0.41 -8.70
N LYS B 285 7.55 -0.49 -8.96
CA LYS B 285 8.23 -1.77 -8.75
C LYS B 285 8.21 -2.15 -7.28
N PHE B 286 8.41 -1.18 -6.39
CA PHE B 286 8.33 -1.45 -4.97
C PHE B 286 6.94 -1.94 -4.59
N LEU B 287 5.90 -1.22 -5.01
CA LEU B 287 4.52 -1.59 -4.67
C LEU B 287 4.19 -2.98 -5.21
N ARG B 288 4.65 -3.28 -6.42
CA ARG B 288 4.41 -4.58 -7.05
C ARG B 288 4.99 -5.74 -6.26
N ASN B 289 5.94 -5.49 -5.36
CA ASN B 289 6.78 -6.55 -4.81
C ASN B 289 6.88 -6.60 -3.31
N TYR B 290 6.65 -5.50 -2.58
CA TYR B 290 7.03 -5.53 -1.18
C TYR B 290 6.17 -6.45 -0.31
N LYS B 291 5.02 -6.91 -0.80
CA LYS B 291 4.25 -7.90 -0.04
C LYS B 291 4.46 -9.31 -0.55
N ASN B 292 5.39 -9.50 -1.49
CA ASN B 292 5.61 -10.79 -2.16
C ASN B 292 6.91 -11.46 -1.75
N MET B 293 7.45 -11.12 -0.58
CA MET B 293 8.65 -11.80 -0.12
C MET B 293 8.34 -13.26 0.17
N PRO B 294 9.28 -14.18 -0.08
CA PRO B 294 9.03 -15.57 0.29
C PRO B 294 9.04 -15.74 1.80
N SER B 295 8.91 -16.97 2.30
CA SER B 295 8.70 -17.20 3.72
C SER B 295 9.79 -18.10 4.29
N TRP B 296 10.44 -17.62 5.35
CA TRP B 296 11.48 -18.38 6.03
C TRP B 296 11.02 -18.99 7.36
N GLY B 297 9.80 -18.71 7.80
CA GLY B 297 9.38 -19.03 9.14
C GLY B 297 9.62 -17.89 10.10
N GLN B 298 9.19 -18.09 11.33
CA GLN B 298 9.48 -17.06 12.33
C GLN B 298 10.77 -17.40 13.06
N PRO B 299 11.50 -16.40 13.60
CA PRO B 299 11.16 -14.96 13.65
C PRO B 299 11.60 -14.16 12.39
N ILE B 300 12.17 -14.84 11.40
CA ILE B 300 12.72 -14.14 10.25
C ILE B 300 11.63 -13.39 9.49
N ASP B 301 10.46 -14.02 9.30
CA ASP B 301 9.43 -13.38 8.49
C ASP B 301 8.97 -12.06 9.10
N GLU B 302 8.89 -12.00 10.44
CA GLU B 302 8.52 -10.75 11.08
C GLU B 302 9.63 -9.70 10.96
N TRP B 303 10.89 -10.11 11.08
CA TRP B 303 12.00 -9.20 10.84
C TRP B 303 11.93 -8.60 9.44
N VAL B 304 11.84 -9.46 8.42
CA VAL B 304 11.75 -9.01 7.03
C VAL B 304 10.60 -8.02 6.85
N THR B 305 9.46 -8.28 7.48
CA THR B 305 8.33 -7.37 7.36
C THR B 305 8.64 -6.01 7.97
N ARG B 306 9.22 -6.00 9.18
CA ARG B 306 9.56 -4.74 9.81
C ARG B 306 10.66 -4.02 9.04
N TYR B 307 11.65 -4.76 8.52
CA TYR B 307 12.72 -4.12 7.77
C TYR B 307 12.17 -3.41 6.54
N ILE B 308 11.28 -4.08 5.81
CA ILE B 308 10.68 -3.47 4.63
C ILE B 308 9.82 -2.27 5.03
N GLU B 309 9.12 -2.36 6.17
CA GLU B 309 8.42 -1.18 6.68
C GLU B 309 9.39 -0.02 6.85
N GLY B 310 10.59 -0.31 7.38
CA GLY B 310 11.59 0.74 7.57
C GLY B 310 12.10 1.34 6.29
N LEU B 311 12.24 0.52 5.23
CA LEU B 311 12.60 1.06 3.93
C LEU B 311 11.54 2.01 3.42
N GLY B 312 10.27 1.62 3.54
CA GLY B 312 9.19 2.45 3.02
C GLY B 312 9.07 3.77 3.75
N ASN B 313 9.15 3.72 5.08
CA ASN B 313 9.13 4.94 5.87
C ASN B 313 10.37 5.81 5.61
N TRP B 314 11.50 5.22 5.23
CA TRP B 314 12.66 6.04 4.89
C TRP B 314 12.39 6.93 3.69
N VAL B 315 11.68 6.42 2.67
CA VAL B 315 11.41 7.26 1.51
C VAL B 315 10.49 8.42 1.89
N ARG B 316 9.53 8.19 2.78
CA ARG B 316 8.66 9.28 3.26
C ARG B 316 9.43 10.28 4.10
N ALA B 317 10.26 9.77 5.02
CA ALA B 317 10.92 10.64 5.98
C ALA B 317 11.87 11.59 5.29
N ASN B 318 12.66 11.09 4.34
CA ASN B 318 13.59 11.93 3.61
C ASN B 318 12.86 13.07 2.91
N ASP B 319 11.72 12.77 2.28
CA ASP B 319 10.97 13.78 1.55
C ASP B 319 10.34 14.80 2.49
N ALA B 320 9.68 14.32 3.53
CA ALA B 320 9.13 15.22 4.56
C ALA B 320 10.21 16.17 5.10
N TRP B 321 11.39 15.63 5.42
CA TRP B 321 12.45 16.46 5.96
C TRP B 321 12.99 17.43 4.92
N SER B 322 13.07 16.98 3.67
CA SER B 322 13.60 17.85 2.63
C SER B 322 12.76 19.09 2.43
N PHE B 323 11.49 19.05 2.83
CA PHE B 323 10.65 20.23 2.73
C PHE B 323 10.52 20.98 4.05
N GLU B 324 10.56 20.28 5.19
CA GLU B 324 10.42 20.94 6.49
C GLU B 324 11.72 21.58 6.96
N SER B 325 12.85 21.08 6.47
CA SER B 325 14.16 21.57 6.84
C SER B 325 14.49 22.86 6.10
N TRP B 326 15.38 23.65 6.70
CA TRP B 326 15.95 24.82 6.03
C TRP B 326 16.92 24.42 4.92
N ARG B 327 17.32 23.14 4.86
CA ARG B 327 18.48 22.73 4.07
C ARG B 327 18.35 23.12 2.60
N TYR B 328 17.20 22.85 1.98
CA TYR B 328 17.04 23.03 0.54
C TYR B 328 16.19 24.24 0.16
N PHE B 329 15.14 24.53 0.93
CA PHE B 329 14.19 25.58 0.59
C PHE B 329 14.16 26.71 1.60
N LYS B 330 15.13 26.74 2.51
CA LYS B 330 15.20 27.76 3.56
C LYS B 330 13.88 27.84 4.32
N TYR B 331 13.10 28.89 4.11
CA TYR B 331 11.87 29.10 4.88
C TYR B 331 10.59 28.91 4.08
N ASP B 332 10.68 28.57 2.79
CA ASP B 332 9.52 28.38 1.93
C ASP B 332 9.14 26.92 1.73
N GLY B 333 9.80 25.99 2.41
CA GLY B 333 9.66 24.58 2.06
C GLY B 333 8.25 24.04 2.26
N LEU B 334 7.62 24.39 3.39
CA LEU B 334 6.27 23.89 3.66
C LEU B 334 5.29 24.39 2.62
N ARG B 335 5.38 25.67 2.25
CA ARG B 335 4.56 26.20 1.18
C ARG B 335 4.80 25.44 -0.13
N ILE B 336 6.07 25.16 -0.43
CA ILE B 336 6.42 24.50 -1.68
C ILE B 336 5.93 23.05 -1.70
N GLN B 337 6.00 22.37 -0.54
CA GLN B 337 5.52 21.00 -0.46
C GLN B 337 4.06 20.90 -0.91
N LYS B 338 3.23 21.86 -0.48
CA LYS B 338 1.83 21.88 -0.89
C LYS B 338 1.63 22.37 -2.33
N GLU B 339 2.35 23.43 -2.74
CA GLU B 339 2.09 24.06 -4.02
C GLU B 339 2.93 23.51 -5.17
N ARG B 340 4.10 22.94 -4.86
CA ARG B 340 5.04 22.34 -5.81
C ARG B 340 5.80 23.33 -6.71
N TRP B 341 5.25 24.52 -6.99
CA TRP B 341 5.99 25.47 -7.81
C TRP B 341 7.16 26.06 -7.02
N VAL B 342 8.33 26.12 -7.65
CA VAL B 342 9.53 26.72 -7.08
C VAL B 342 10.07 27.79 -8.02
N GLU B 343 10.42 28.95 -7.46
CA GLU B 343 11.06 30.01 -8.22
C GLU B 343 12.52 29.68 -8.47
N LEU B 344 12.89 29.55 -9.75
CA LEU B 344 14.29 29.35 -10.13
C LEU B 344 15.14 30.48 -9.58
N LEU B 345 16.12 30.15 -8.76
CA LEU B 345 16.99 31.18 -8.23
C LEU B 345 17.88 31.72 -9.35
N PRO B 346 18.14 33.03 -9.37
CA PRO B 346 19.06 33.59 -10.37
C PRO B 346 20.48 33.26 -10.01
N PRO B 347 21.42 33.39 -10.95
CA PRO B 347 22.81 33.10 -10.60
C PRO B 347 23.23 33.89 -9.37
N ALA B 348 23.88 33.24 -8.44
CA ALA B 348 24.30 33.84 -7.19
C ALA B 348 25.22 35.05 -7.23
MG MG C . -21.71 -5.89 -13.21
MG MG D . -25.05 -10.58 -8.15
N BTM E . -20.38 -11.15 -7.08
C1 BTM E . -20.41 -9.77 -6.56
C2 BTM E . -18.99 -11.53 -7.36
C3 BTM E . -18.35 -10.49 -8.26
C4 BTM E . -20.94 -12.06 -6.07
C5 BTM E . -22.36 -11.64 -5.76
C6 BTM E . -21.17 -11.23 -8.31
C7 BTM E . -20.74 -12.45 -9.10
C8 BTM E . -19.48 -9.65 -5.38
C9 BTM E . -18.24 -9.05 -5.53
C10 BTM E . -17.38 -8.94 -4.43
C11 BTM E . -17.78 -9.42 -3.20
C12 BTM E . -19.02 -10.03 -3.04
C13 BTM E . -19.87 -10.13 -4.14
MG MG F . 21.52 16.37 -3.89
N BTM G . 21.68 13.16 3.51
C1 BTM G . 20.52 12.63 4.26
C2 BTM G . 22.89 13.00 4.32
C3 BTM G . 22.95 14.07 5.38
C4 BTM G . 21.82 12.44 2.24
C5 BTM G . 20.61 12.69 1.37
C6 BTM G . 21.46 14.58 3.24
C7 BTM G . 22.44 15.05 2.19
C8 BTM G . 20.45 11.13 4.08
C9 BTM G . 21.45 10.32 4.60
C10 BTM G . 21.39 8.93 4.43
C11 BTM G . 20.31 8.37 3.75
C12 BTM G . 19.30 9.18 3.24
C13 BTM G . 19.37 10.56 3.40
#